data_2KZY
#
_entry.id   2KZY
#
loop_
_entity.id
_entity.type
_entity.pdbx_description
1 polymer 'Zfand5 protein (Zinc finger protein 216 (Predicted), isoform CRA_a)'
2 non-polymer 'ZINC ION'
#
_entity_poly.entity_id   1
_entity_poly.type   'polypeptide(L)'
_entity_poly.pdbx_seq_one_letter_code
;GSMAQETNQTPGPMLCSTGCGFYGNPRTNGMCSVCYKEHLQRQQNSGRMSPMGTASGSNSPT
;
_entity_poly.pdbx_strand_id   A
#
# COMPACT_ATOMS: atom_id res chain seq x y z
N GLY A 1 34.63 -5.01 17.72
CA GLY A 1 33.16 -4.84 17.92
C GLY A 1 32.67 -5.78 19.02
N SER A 2 33.04 -5.47 20.26
CA SER A 2 32.63 -6.30 21.40
C SER A 2 31.23 -5.94 21.86
N MET A 3 31.00 -4.64 22.13
CA MET A 3 29.70 -4.17 22.58
C MET A 3 28.67 -4.25 21.43
N ALA A 4 27.39 -4.32 21.81
CA ALA A 4 26.31 -4.39 20.82
C ALA A 4 25.24 -3.35 21.10
N GLN A 5 25.67 -2.19 21.63
CA GLN A 5 24.73 -1.10 21.96
C GLN A 5 24.94 0.10 21.02
N GLU A 6 25.32 -0.19 19.77
CA GLU A 6 25.55 0.87 18.78
C GLU A 6 24.41 0.92 17.77
N THR A 7 23.46 1.84 18.00
CA THR A 7 22.31 2.00 17.11
C THR A 7 22.56 3.14 16.13
N ASN A 8 22.49 2.83 14.83
CA ASN A 8 22.70 3.84 13.79
C ASN A 8 21.43 4.05 12.98
N GLN A 9 20.78 2.95 12.60
CA GLN A 9 19.54 3.03 11.82
C GLN A 9 18.54 1.99 12.33
N THR A 10 17.24 2.26 12.13
CA THR A 10 16.19 1.33 12.56
C THR A 10 15.77 0.43 11.40
N PRO A 11 15.41 -0.83 11.68
CA PRO A 11 14.96 -1.77 10.62
C PRO A 11 13.45 -1.73 10.43
N GLY A 12 12.98 -2.20 9.29
CA GLY A 12 11.55 -2.22 8.99
C GLY A 12 11.06 -0.87 8.44
N PRO A 13 11.78 -0.24 7.50
CA PRO A 13 11.34 1.07 6.93
C PRO A 13 10.13 0.90 6.00
N MET A 14 8.94 0.87 6.59
CA MET A 14 7.71 0.69 5.80
C MET A 14 7.40 1.97 5.00
N LEU A 15 8.28 2.27 4.03
CA LEU A 15 8.09 3.45 3.20
C LEU A 15 6.97 3.19 2.19
N CYS A 16 6.20 4.24 1.87
CA CYS A 16 5.07 4.13 0.93
C CYS A 16 5.48 3.44 -0.38
N SER A 17 4.72 2.41 -0.76
CA SER A 17 4.98 1.65 -1.98
C SER A 17 4.85 2.52 -3.23
N THR A 18 3.97 3.53 -3.19
CA THR A 18 3.77 4.41 -4.34
C THR A 18 4.95 5.39 -4.53
N GLY A 19 5.76 5.59 -3.48
CA GLY A 19 6.93 6.47 -3.59
C GLY A 19 6.57 7.94 -3.34
N CYS A 20 5.75 8.22 -2.33
CA CYS A 20 5.38 9.61 -2.01
C CYS A 20 6.43 10.26 -1.08
N GLY A 21 7.20 9.44 -0.34
CA GLY A 21 8.24 9.94 0.56
C GLY A 21 7.81 9.99 2.03
N PHE A 22 6.64 9.42 2.35
CA PHE A 22 6.14 9.41 3.72
C PHE A 22 6.09 7.98 4.26
N TYR A 23 6.07 7.86 5.59
CA TYR A 23 6.01 6.55 6.24
C TYR A 23 4.68 5.86 5.98
N GLY A 24 4.72 4.54 5.88
CA GLY A 24 3.53 3.73 5.64
C GLY A 24 3.28 2.77 6.80
N ASN A 25 2.22 1.96 6.69
CA ASN A 25 1.88 0.99 7.75
C ASN A 25 1.74 -0.42 7.16
N PRO A 26 2.23 -1.46 7.83
CA PRO A 26 2.12 -2.85 7.33
C PRO A 26 0.72 -3.44 7.54
N ARG A 27 -0.03 -2.90 8.52
CA ARG A 27 -1.40 -3.36 8.76
C ARG A 27 -2.30 -2.90 7.61
N THR A 28 -1.99 -1.72 7.06
CA THR A 28 -2.75 -1.18 5.93
C THR A 28 -2.31 -1.98 4.68
N ASN A 29 -2.48 -1.42 3.48
CA ASN A 29 -2.07 -2.10 2.26
C ASN A 29 -0.62 -1.74 1.87
N GLY A 30 0.19 -1.34 2.86
CA GLY A 30 1.59 -0.96 2.59
C GLY A 30 1.69 0.50 2.12
N MET A 31 0.59 1.26 2.20
CA MET A 31 0.56 2.65 1.78
C MET A 31 0.33 3.58 2.96
N CYS A 32 0.75 4.84 2.82
CA CYS A 32 0.60 5.82 3.88
C CYS A 32 -0.89 6.19 4.04
N SER A 33 -1.18 7.34 4.66
CA SER A 33 -2.57 7.76 4.89
C SER A 33 -3.24 8.26 3.61
N VAL A 34 -2.56 9.16 2.89
CA VAL A 34 -3.12 9.75 1.67
C VAL A 34 -3.24 8.71 0.53
N CYS A 35 -2.12 8.09 0.18
CA CYS A 35 -2.08 7.09 -0.91
C CYS A 35 -3.05 5.92 -0.66
N TYR A 36 -3.21 5.52 0.60
CA TYR A 36 -4.10 4.40 0.95
C TYR A 36 -5.55 4.71 0.58
N LYS A 37 -5.92 5.99 0.65
CA LYS A 37 -7.29 6.40 0.34
C LYS A 37 -7.52 6.39 -1.18
N GLU A 38 -6.59 7.01 -1.92
CA GLU A 38 -6.69 7.09 -3.38
C GLU A 38 -6.65 5.69 -4.01
N HIS A 39 -5.75 4.85 -3.51
CA HIS A 39 -5.58 3.49 -4.04
C HIS A 39 -6.83 2.64 -3.83
N LEU A 40 -7.37 2.66 -2.61
CA LEU A 40 -8.57 1.86 -2.28
C LEU A 40 -9.79 2.32 -3.09
N GLN A 41 -9.83 3.61 -3.44
CA GLN A 41 -10.95 4.15 -4.22
C GLN A 41 -10.97 3.53 -5.62
N ARG A 42 -9.78 3.38 -6.21
CA ARG A 42 -9.66 2.80 -7.55
C ARG A 42 -9.92 1.29 -7.53
N GLN A 43 -9.57 0.64 -6.41
CA GLN A 43 -9.76 -0.81 -6.27
C GLN A 43 -11.23 -1.14 -6.04
N GLN A 44 -11.90 -0.30 -5.24
CA GLN A 44 -13.32 -0.51 -4.93
C GLN A 44 -14.19 -0.32 -6.17
N ASN A 45 -13.83 0.65 -7.01
CA ASN A 45 -14.60 0.94 -8.23
C ASN A 45 -14.57 -0.25 -9.20
N SER A 46 -13.51 -1.06 -9.14
CA SER A 46 -13.38 -2.22 -10.01
C SER A 46 -14.43 -3.28 -9.66
N GLY A 47 -14.35 -3.81 -8.43
CA GLY A 47 -15.29 -4.83 -7.99
C GLY A 47 -14.79 -6.23 -8.33
N ARG A 48 -14.55 -6.46 -9.63
CA ARG A 48 -14.06 -7.75 -10.09
C ARG A 48 -12.53 -7.80 -10.04
N MET A 49 -11.99 -7.98 -8.82
CA MET A 49 -10.55 -8.05 -8.63
C MET A 49 -10.04 -9.47 -8.88
N SER A 50 -9.16 -9.63 -9.88
CA SER A 50 -8.61 -10.94 -10.22
C SER A 50 -7.27 -10.78 -10.95
N PRO A 51 -6.14 -10.82 -10.26
CA PRO A 51 -4.80 -10.69 -10.90
C PRO A 51 -4.30 -12.02 -11.46
N MET A 52 -4.73 -12.33 -12.70
CA MET A 52 -4.33 -13.57 -13.36
C MET A 52 -4.14 -13.34 -14.86
N GLY A 53 -3.56 -12.19 -15.20
CA GLY A 53 -3.30 -11.84 -16.59
C GLY A 53 -4.56 -11.23 -17.23
N THR A 54 -5.60 -12.04 -17.38
CA THR A 54 -6.86 -11.59 -17.97
C THR A 54 -7.95 -11.50 -16.91
N ALA A 55 -9.06 -10.85 -17.24
CA ALA A 55 -10.19 -10.71 -16.33
C ALA A 55 -11.51 -10.75 -17.08
N SER A 56 -12.48 -11.47 -16.52
CA SER A 56 -13.80 -11.59 -17.15
C SER A 56 -14.67 -10.38 -16.81
N GLY A 57 -15.60 -10.05 -17.71
CA GLY A 57 -16.49 -8.92 -17.51
C GLY A 57 -15.81 -7.61 -17.89
N SER A 58 -15.75 -7.32 -19.18
CA SER A 58 -15.11 -6.09 -19.66
C SER A 58 -15.93 -5.48 -20.82
N ASN A 59 -17.26 -5.62 -20.74
CA ASN A 59 -18.14 -5.07 -21.77
C ASN A 59 -18.41 -3.59 -21.51
N SER A 60 -18.68 -2.84 -22.58
CA SER A 60 -18.97 -1.42 -22.46
C SER A 60 -20.01 -0.99 -23.52
N PRO A 61 -21.29 -1.10 -23.22
CA PRO A 61 -22.37 -0.70 -24.19
C PRO A 61 -22.28 0.78 -24.56
N THR A 62 -22.70 1.10 -25.79
CA THR A 62 -22.66 2.48 -26.27
C THR A 62 -23.96 3.20 -25.92
N GLY A 1 30.96 -3.57 30.51
CA GLY A 1 30.26 -2.26 30.39
C GLY A 1 28.82 -2.48 29.96
N SER A 2 28.16 -1.40 29.52
CA SER A 2 26.78 -1.49 29.08
C SER A 2 26.70 -2.02 27.65
N MET A 3 25.72 -2.89 27.38
CA MET A 3 25.54 -3.46 26.06
C MET A 3 24.58 -2.62 25.22
N ALA A 4 25.12 -1.61 24.54
CA ALA A 4 24.31 -0.73 23.71
C ALA A 4 25.01 -0.44 22.37
N GLN A 5 25.78 -1.42 21.88
CA GLN A 5 26.50 -1.27 20.61
C GLN A 5 26.10 -2.38 19.63
N GLU A 6 24.83 -2.81 19.72
CA GLU A 6 24.33 -3.86 18.84
C GLU A 6 24.16 -3.34 17.41
N THR A 7 23.69 -4.20 16.52
CA THR A 7 23.48 -3.82 15.12
C THR A 7 22.14 -3.11 14.96
N ASN A 8 22.17 -1.88 14.45
CA ASN A 8 20.94 -1.09 14.25
C ASN A 8 20.47 -1.19 12.80
N GLN A 9 21.41 -1.34 11.87
CA GLN A 9 21.07 -1.44 10.44
C GLN A 9 20.23 -2.69 10.17
N THR A 10 18.90 -2.52 10.11
CA THR A 10 18.00 -3.63 9.86
C THR A 10 16.67 -3.13 9.25
N PRO A 11 15.93 -3.97 8.55
CA PRO A 11 14.63 -3.58 7.92
C PRO A 11 13.61 -3.10 8.96
N GLY A 12 12.70 -2.22 8.54
CA GLY A 12 11.68 -1.69 9.44
C GLY A 12 10.93 -0.51 8.82
N PRO A 13 11.61 0.58 8.45
CA PRO A 13 10.94 1.79 7.86
C PRO A 13 10.19 1.47 6.57
N MET A 14 8.95 1.01 6.70
CA MET A 14 8.11 0.68 5.55
C MET A 14 7.68 1.95 4.82
N LEU A 15 8.50 2.40 3.87
CA LEU A 15 8.20 3.60 3.10
C LEU A 15 7.08 3.32 2.08
N CYS A 16 6.24 4.33 1.82
CA CYS A 16 5.11 4.19 0.88
C CYS A 16 5.51 3.52 -0.44
N SER A 17 4.66 2.61 -0.92
CA SER A 17 4.90 1.89 -2.17
C SER A 17 4.86 2.84 -3.37
N THR A 18 4.00 3.86 -3.28
CA THR A 18 3.88 4.85 -4.37
C THR A 18 5.11 5.76 -4.48
N GLY A 19 5.98 5.74 -3.46
CA GLY A 19 7.20 6.56 -3.47
C GLY A 19 6.90 8.03 -3.15
N CYS A 20 5.80 8.29 -2.41
CA CYS A 20 5.45 9.67 -2.07
C CYS A 20 6.48 10.31 -1.13
N GLY A 21 7.30 9.49 -0.46
CA GLY A 21 8.33 10.01 0.45
C GLY A 21 7.87 10.06 1.92
N PHE A 22 6.70 9.49 2.22
CA PHE A 22 6.16 9.50 3.57
C PHE A 22 6.33 8.12 4.23
N TYR A 23 5.74 7.97 5.42
CA TYR A 23 5.82 6.70 6.15
C TYR A 23 4.56 5.86 5.91
N GLY A 24 4.74 4.55 5.80
CA GLY A 24 3.62 3.62 5.58
C GLY A 24 3.42 2.70 6.79
N ASN A 25 2.37 1.86 6.74
CA ASN A 25 2.07 0.95 7.85
C ASN A 25 1.95 -0.51 7.33
N PRO A 26 2.45 -1.50 8.07
CA PRO A 26 2.36 -2.93 7.64
C PRO A 26 0.95 -3.51 7.82
N ARG A 27 0.16 -2.92 8.73
CA ARG A 27 -1.21 -3.40 8.95
C ARG A 27 -2.10 -2.98 7.77
N THR A 28 -1.77 -1.83 7.17
CA THR A 28 -2.50 -1.34 6.01
C THR A 28 -1.96 -2.08 4.77
N ASN A 29 -2.05 -1.47 3.58
CA ASN A 29 -1.53 -2.09 2.36
C ASN A 29 -0.09 -1.68 2.08
N GLY A 30 0.68 -1.37 3.13
CA GLY A 30 2.07 -0.96 2.96
C GLY A 30 2.17 0.49 2.47
N MET A 31 1.06 1.25 2.52
CA MET A 31 1.06 2.64 2.05
C MET A 31 0.72 3.60 3.20
N CYS A 32 0.92 4.90 2.96
CA CYS A 32 0.66 5.93 3.96
C CYS A 32 -0.85 6.24 4.07
N SER A 33 -1.18 7.37 4.70
CA SER A 33 -2.58 7.77 4.90
C SER A 33 -3.25 8.28 3.60
N VAL A 34 -2.56 9.14 2.87
CA VAL A 34 -3.12 9.73 1.64
C VAL A 34 -3.23 8.70 0.51
N CYS A 35 -2.11 8.09 0.16
CA CYS A 35 -2.06 7.10 -0.93
C CYS A 35 -2.99 5.91 -0.67
N TYR A 36 -3.13 5.50 0.59
CA TYR A 36 -3.98 4.37 0.93
C TYR A 36 -5.46 4.67 0.67
N LYS A 37 -5.86 5.94 0.78
CA LYS A 37 -7.25 6.33 0.55
C LYS A 37 -7.56 6.35 -0.93
N GLU A 38 -6.68 6.99 -1.72
CA GLU A 38 -6.87 7.09 -3.17
C GLU A 38 -6.85 5.69 -3.81
N HIS A 39 -5.97 4.83 -3.28
CA HIS A 39 -5.82 3.47 -3.80
C HIS A 39 -7.11 2.66 -3.67
N LEU A 40 -7.72 2.67 -2.49
CA LEU A 40 -8.95 1.91 -2.24
C LEU A 40 -10.08 2.35 -3.20
N GLN A 41 -10.05 3.60 -3.64
CA GLN A 41 -11.08 4.12 -4.56
C GLN A 41 -11.12 3.32 -5.87
N ARG A 42 -9.94 3.01 -6.41
CA ARG A 42 -9.84 2.24 -7.65
C ARG A 42 -10.29 0.79 -7.46
N GLN A 43 -10.10 0.26 -6.23
CA GLN A 43 -10.50 -1.12 -5.93
C GLN A 43 -12.02 -1.30 -6.01
N GLN A 44 -12.76 -0.30 -5.50
CA GLN A 44 -14.23 -0.35 -5.48
C GLN A 44 -14.87 0.12 -6.81
N ASN A 45 -14.10 0.18 -7.90
CA ASN A 45 -14.66 0.62 -9.19
C ASN A 45 -15.84 -0.28 -9.62
N SER A 46 -15.75 -1.57 -9.26
CA SER A 46 -16.81 -2.52 -9.60
C SER A 46 -17.93 -2.45 -8.57
N GLY A 47 -17.60 -2.78 -7.31
CA GLY A 47 -18.58 -2.74 -6.23
C GLY A 47 -19.20 -4.11 -5.96
N ARG A 48 -19.65 -4.78 -7.03
CA ARG A 48 -20.27 -6.10 -6.91
C ARG A 48 -19.21 -7.18 -6.71
N MET A 49 -19.66 -8.39 -6.40
CA MET A 49 -18.74 -9.52 -6.20
C MET A 49 -18.20 -10.00 -7.54
N SER A 50 -19.10 -10.13 -8.52
CA SER A 50 -18.72 -10.61 -9.85
C SER A 50 -19.28 -9.69 -10.94
N PRO A 51 -18.66 -9.63 -12.11
CA PRO A 51 -19.13 -8.77 -13.23
C PRO A 51 -20.30 -9.41 -14.00
N MET A 52 -20.64 -8.80 -15.15
CA MET A 52 -21.73 -9.31 -15.98
C MET A 52 -21.39 -9.19 -17.45
N GLY A 53 -21.06 -7.96 -17.88
CA GLY A 53 -20.70 -7.72 -19.29
C GLY A 53 -21.39 -6.44 -19.80
N THR A 54 -22.72 -6.43 -19.74
CA THR A 54 -23.50 -5.28 -20.20
C THR A 54 -24.72 -5.07 -19.31
N ALA A 55 -25.28 -3.85 -19.36
CA ALA A 55 -26.46 -3.53 -18.55
C ALA A 55 -27.73 -4.02 -19.25
N SER A 56 -28.40 -5.00 -18.64
CA SER A 56 -29.63 -5.56 -19.20
C SER A 56 -30.79 -5.36 -18.24
N GLY A 57 -31.97 -5.85 -18.62
CA GLY A 57 -33.16 -5.71 -17.79
C GLY A 57 -33.97 -4.48 -18.18
N SER A 58 -34.40 -4.43 -19.45
CA SER A 58 -35.18 -3.31 -19.95
C SER A 58 -36.19 -3.76 -21.01
N ASN A 59 -36.69 -4.99 -20.86
CA ASN A 59 -37.67 -5.54 -21.79
C ASN A 59 -39.07 -5.50 -21.20
N SER A 60 -40.09 -5.42 -22.07
CA SER A 60 -41.48 -5.38 -21.62
C SER A 60 -42.30 -6.47 -22.32
N PRO A 61 -42.40 -7.65 -21.72
CA PRO A 61 -43.18 -8.78 -22.32
C PRO A 61 -44.68 -8.66 -22.06
N THR A 62 -45.46 -8.58 -23.13
CA THR A 62 -46.92 -8.46 -23.01
C THR A 62 -47.61 -9.03 -24.25
N GLY A 1 32.08 5.84 14.10
CA GLY A 1 32.44 7.08 13.35
C GLY A 1 32.36 6.80 11.85
N SER A 2 31.13 6.79 11.32
CA SER A 2 30.92 6.54 9.90
C SER A 2 31.05 7.83 9.09
N MET A 3 30.59 8.94 9.67
CA MET A 3 30.65 10.24 9.00
C MET A 3 31.09 11.33 9.97
N ALA A 4 30.36 11.46 11.08
CA ALA A 4 30.68 12.47 12.09
C ALA A 4 30.66 11.86 13.48
N GLN A 5 29.49 11.35 13.90
CA GLN A 5 29.34 10.73 15.21
C GLN A 5 28.59 9.41 15.09
N GLU A 6 27.38 9.46 14.52
CA GLU A 6 26.56 8.26 14.35
C GLU A 6 25.96 8.23 12.94
N THR A 7 25.20 7.17 12.66
CA THR A 7 24.58 7.01 11.35
C THR A 7 23.21 7.69 11.32
N ASN A 8 22.75 8.05 10.12
CA ASN A 8 21.45 8.71 9.95
C ASN A 8 20.40 7.76 9.35
N GLN A 9 20.57 6.46 9.62
CA GLN A 9 19.63 5.46 9.10
C GLN A 9 18.72 4.93 10.21
N THR A 10 17.79 4.05 9.83
CA THR A 10 16.87 3.46 10.80
C THR A 10 16.46 2.05 10.35
N PRO A 11 16.21 1.13 11.28
CA PRO A 11 15.82 -0.27 10.95
C PRO A 11 14.32 -0.39 10.67
N GLY A 12 13.98 -0.99 9.52
CA GLY A 12 12.58 -1.17 9.15
C GLY A 12 11.98 0.09 8.50
N PRO A 13 12.66 0.74 7.56
CA PRO A 13 12.12 1.98 6.92
C PRO A 13 11.02 1.62 5.91
N MET A 14 9.84 1.25 6.43
CA MET A 14 8.70 0.88 5.59
C MET A 14 8.14 2.11 4.86
N LEU A 15 8.88 2.58 3.86
CA LEU A 15 8.46 3.76 3.08
C LEU A 15 7.32 3.41 2.14
N CYS A 16 6.40 4.38 1.93
CA CYS A 16 5.22 4.18 1.06
C CYS A 16 5.57 3.50 -0.27
N SER A 17 4.72 2.56 -0.69
CA SER A 17 4.92 1.82 -1.94
C SER A 17 4.70 2.72 -3.17
N THR A 18 3.91 3.79 -3.01
CA THR A 18 3.64 4.69 -4.12
C THR A 18 4.78 5.69 -4.36
N GLY A 19 5.65 5.88 -3.36
CA GLY A 19 6.78 6.79 -3.50
C GLY A 19 6.40 8.23 -3.15
N CYS A 20 5.46 8.40 -2.23
CA CYS A 20 5.05 9.75 -1.82
C CYS A 20 6.14 10.41 -0.95
N GLY A 21 7.04 9.59 -0.36
CA GLY A 21 8.13 10.11 0.47
C GLY A 21 7.80 10.06 1.98
N PHE A 22 6.71 9.38 2.36
CA PHE A 22 6.32 9.29 3.77
C PHE A 22 6.35 7.84 4.26
N TYR A 23 6.30 7.67 5.58
CA TYR A 23 6.31 6.33 6.19
C TYR A 23 5.01 5.59 5.84
N GLY A 24 5.12 4.27 5.68
CA GLY A 24 3.96 3.44 5.35
C GLY A 24 3.59 2.55 6.53
N ASN A 25 2.37 1.99 6.50
CA ASN A 25 1.90 1.10 7.57
C ASN A 25 1.73 -0.33 7.04
N PRO A 26 2.34 -1.33 7.67
CA PRO A 26 2.20 -2.75 7.21
C PRO A 26 0.82 -3.34 7.49
N ARG A 27 0.05 -2.71 8.38
CA ARG A 27 -1.31 -3.17 8.68
C ARG A 27 -2.24 -2.77 7.54
N THR A 28 -1.99 -1.59 6.96
CA THR A 28 -2.77 -1.09 5.84
C THR A 28 -2.40 -1.93 4.59
N ASN A 29 -2.59 -1.36 3.39
CA ASN A 29 -2.24 -2.07 2.15
C ASN A 29 -0.79 -1.79 1.73
N GLY A 30 0.09 -1.48 2.69
CA GLY A 30 1.49 -1.17 2.38
C GLY A 30 1.66 0.31 2.00
N MET A 31 0.63 1.12 2.22
CA MET A 31 0.68 2.55 1.88
C MET A 31 0.42 3.41 3.11
N CYS A 32 0.77 4.69 3.01
CA CYS A 32 0.59 5.62 4.11
C CYS A 32 -0.91 5.94 4.27
N SER A 33 -1.24 7.07 4.90
CA SER A 33 -2.64 7.44 5.12
C SER A 33 -3.32 7.97 3.85
N VAL A 34 -2.70 8.95 3.18
CA VAL A 34 -3.28 9.56 1.98
C VAL A 34 -3.34 8.56 0.82
N CYS A 35 -2.19 7.96 0.48
CA CYS A 35 -2.12 7.01 -0.64
C CYS A 35 -3.06 5.81 -0.46
N TYR A 36 -3.24 5.35 0.78
CA TYR A 36 -4.11 4.18 1.06
C TYR A 36 -5.54 4.43 0.57
N LYS A 37 -6.05 5.64 0.77
CA LYS A 37 -7.40 5.98 0.36
C LYS A 37 -7.46 6.18 -1.15
N GLU A 38 -6.48 6.92 -1.67
CA GLU A 38 -6.40 7.22 -3.11
C GLU A 38 -6.43 5.95 -3.97
N HIS A 39 -5.73 4.90 -3.53
CA HIS A 39 -5.71 3.65 -4.30
C HIS A 39 -6.92 2.77 -3.98
N LEU A 40 -7.39 2.82 -2.74
CA LEU A 40 -8.55 2.03 -2.32
C LEU A 40 -9.81 2.41 -3.13
N GLN A 41 -9.85 3.66 -3.61
CA GLN A 41 -10.99 4.13 -4.40
C GLN A 41 -11.00 3.44 -5.76
N ARG A 42 -9.82 3.24 -6.34
CA ARG A 42 -9.71 2.58 -7.65
C ARG A 42 -10.03 1.09 -7.52
N GLN A 43 -9.73 0.51 -6.35
CA GLN A 43 -9.99 -0.92 -6.11
C GLN A 43 -11.49 -1.16 -5.94
N GLN A 44 -12.19 -0.20 -5.34
CA GLN A 44 -13.63 -0.34 -5.12
C GLN A 44 -14.40 -0.10 -6.43
N ASN A 45 -13.88 0.80 -7.27
CA ASN A 45 -14.53 1.11 -8.55
C ASN A 45 -14.52 -0.09 -9.51
N SER A 46 -13.66 -1.08 -9.26
CA SER A 46 -13.59 -2.26 -10.12
C SER A 46 -14.87 -3.09 -10.03
N GLY A 47 -15.47 -3.12 -8.83
CA GLY A 47 -16.69 -3.88 -8.61
C GLY A 47 -16.44 -5.39 -8.74
N ARG A 48 -15.57 -5.92 -7.88
CA ARG A 48 -15.23 -7.34 -7.91
C ARG A 48 -16.20 -8.14 -7.04
N MET A 49 -16.56 -7.60 -5.87
CA MET A 49 -17.48 -8.28 -4.96
C MET A 49 -18.80 -7.50 -4.85
N SER A 50 -19.22 -6.90 -5.97
CA SER A 50 -20.45 -6.13 -5.99
C SER A 50 -21.11 -6.21 -7.38
N PRO A 51 -22.41 -5.97 -7.48
CA PRO A 51 -23.13 -6.01 -8.79
C PRO A 51 -22.87 -4.76 -9.64
N MET A 52 -22.93 -4.93 -10.96
CA MET A 52 -22.70 -3.81 -11.88
C MET A 52 -23.63 -3.92 -13.09
N GLY A 53 -23.76 -2.82 -13.84
CA GLY A 53 -24.61 -2.79 -15.02
C GLY A 53 -25.93 -2.07 -14.72
N THR A 54 -26.68 -2.59 -13.76
CA THR A 54 -27.96 -1.99 -13.37
C THR A 54 -27.73 -0.84 -12.40
N ALA A 55 -28.01 0.38 -12.85
CA ALA A 55 -27.83 1.57 -12.01
C ALA A 55 -29.13 1.93 -11.31
N SER A 56 -29.02 2.76 -10.27
CA SER A 56 -30.18 3.19 -9.50
C SER A 56 -30.01 4.63 -8.99
N GLY A 57 -29.34 5.46 -9.79
CA GLY A 57 -29.11 6.85 -9.42
C GLY A 57 -27.87 6.97 -8.54
N SER A 58 -26.78 6.35 -8.99
CA SER A 58 -25.52 6.39 -8.23
C SER A 58 -24.31 6.30 -9.19
N ASN A 59 -24.46 6.89 -10.38
CA ASN A 59 -23.40 6.88 -11.37
C ASN A 59 -22.31 7.89 -11.00
N SER A 60 -21.05 7.45 -11.07
CA SER A 60 -19.93 8.31 -10.75
C SER A 60 -19.46 9.08 -12.00
N PRO A 61 -18.85 10.24 -11.83
CA PRO A 61 -18.37 11.06 -13.00
C PRO A 61 -17.09 10.48 -13.60
N THR A 62 -16.83 10.83 -14.87
CA THR A 62 -15.64 10.34 -15.57
C THR A 62 -14.41 11.12 -15.12
N GLY A 1 29.53 7.52 9.83
CA GLY A 1 30.10 8.72 10.50
C GLY A 1 29.86 8.64 12.00
N SER A 2 28.70 9.15 12.43
CA SER A 2 28.34 9.13 13.85
C SER A 2 27.68 7.80 14.20
N MET A 3 26.58 7.48 13.52
CA MET A 3 25.86 6.24 13.75
C MET A 3 26.43 5.12 12.88
N ALA A 4 27.20 4.22 13.50
CA ALA A 4 27.80 3.10 12.77
C ALA A 4 27.70 1.81 13.60
N GLN A 5 26.61 1.68 14.37
CA GLN A 5 26.40 0.49 15.19
C GLN A 5 25.57 -0.54 14.44
N GLU A 6 24.39 -0.11 13.97
CA GLU A 6 23.50 -1.00 13.23
C GLU A 6 24.01 -1.19 11.80
N THR A 7 23.33 -2.06 11.04
CA THR A 7 23.71 -2.33 9.65
C THR A 7 22.95 -1.40 8.71
N ASN A 8 23.16 -1.59 7.40
CA ASN A 8 22.49 -0.77 6.39
C ASN A 8 21.17 -1.42 5.98
N GLN A 9 21.22 -2.73 5.72
CA GLN A 9 20.02 -3.46 5.32
C GLN A 9 19.28 -3.99 6.55
N THR A 10 18.14 -3.37 6.85
CA THR A 10 17.34 -3.78 8.00
C THR A 10 15.84 -3.62 7.69
N PRO A 11 15.14 -4.67 7.26
CA PRO A 11 13.69 -4.58 6.93
C PRO A 11 12.86 -4.11 8.13
N GLY A 12 12.38 -2.87 8.06
CA GLY A 12 11.57 -2.30 9.14
C GLY A 12 10.77 -1.09 8.65
N PRO A 13 11.43 -0.02 8.22
CA PRO A 13 10.73 1.21 7.72
C PRO A 13 9.84 0.91 6.50
N MET A 14 8.59 0.54 6.78
CA MET A 14 7.65 0.23 5.70
C MET A 14 7.24 1.53 5.00
N LEU A 15 8.06 1.96 4.04
CA LEU A 15 7.81 3.20 3.32
C LEU A 15 6.77 2.98 2.23
N CYS A 16 5.95 4.01 1.98
CA CYS A 16 4.85 3.95 0.99
C CYS A 16 5.28 3.34 -0.36
N SER A 17 4.46 2.40 -0.83
CA SER A 17 4.73 1.71 -2.10
C SER A 17 4.73 2.67 -3.30
N THR A 18 4.02 3.81 -3.17
CA THR A 18 3.93 4.77 -4.28
C THR A 18 5.16 5.69 -4.37
N GLY A 19 6.04 5.68 -3.36
CA GLY A 19 7.23 6.51 -3.38
C GLY A 19 6.93 7.98 -3.02
N CYS A 20 5.85 8.22 -2.27
CA CYS A 20 5.52 9.59 -1.87
C CYS A 20 6.57 10.16 -0.89
N GLY A 21 7.41 9.30 -0.30
CA GLY A 21 8.46 9.74 0.63
C GLY A 21 7.98 9.80 2.08
N PHE A 22 6.79 9.28 2.36
CA PHE A 22 6.24 9.28 3.72
C PHE A 22 6.29 7.88 4.31
N TYR A 23 5.72 7.71 5.50
CA TYR A 23 5.69 6.40 6.17
C TYR A 23 4.42 5.63 5.83
N GLY A 24 4.56 4.32 5.64
CA GLY A 24 3.40 3.46 5.32
C GLY A 24 3.09 2.51 6.47
N ASN A 25 1.93 1.84 6.38
CA ASN A 25 1.52 0.90 7.44
C ASN A 25 1.45 -0.54 6.88
N PRO A 26 1.91 -1.53 7.63
CA PRO A 26 1.86 -2.96 7.18
C PRO A 26 0.47 -3.57 7.29
N ARG A 27 -0.35 -3.04 8.21
CA ARG A 27 -1.71 -3.53 8.40
C ARG A 27 -2.60 -3.06 7.23
N THR A 28 -2.26 -1.90 6.65
CA THR A 28 -2.99 -1.38 5.51
C THR A 28 -2.40 -2.01 4.24
N ASN A 29 -2.44 -1.32 3.08
CA ASN A 29 -1.89 -1.87 1.84
C ASN A 29 -0.41 -1.46 1.65
N GLY A 30 0.30 -1.22 2.76
CA GLY A 30 1.71 -0.82 2.67
C GLY A 30 1.86 0.64 2.22
N MET A 31 0.77 1.43 2.30
CA MET A 31 0.81 2.84 1.90
C MET A 31 0.50 3.72 3.10
N CYS A 32 0.83 5.01 2.97
CA CYS A 32 0.59 5.95 4.04
C CYS A 32 -0.91 6.26 4.14
N SER A 33 -1.28 7.35 4.84
CA SER A 33 -2.69 7.70 5.03
C SER A 33 -3.35 8.26 3.75
N VAL A 34 -2.63 9.12 3.04
CA VAL A 34 -3.17 9.75 1.82
C VAL A 34 -3.27 8.75 0.67
N CYS A 35 -2.16 8.04 0.43
CA CYS A 35 -2.10 7.05 -0.64
C CYS A 35 -3.05 5.87 -0.38
N TYR A 36 -3.19 5.47 0.89
CA TYR A 36 -4.06 4.34 1.24
C TYR A 36 -5.53 4.64 0.94
N LYS A 37 -5.97 5.88 1.18
CA LYS A 37 -7.37 6.23 0.93
C LYS A 37 -7.60 6.37 -0.58
N GLU A 38 -6.69 7.04 -1.27
CA GLU A 38 -6.80 7.23 -2.72
C GLU A 38 -6.68 5.90 -3.46
N HIS A 39 -5.73 5.07 -3.03
CA HIS A 39 -5.50 3.76 -3.68
C HIS A 39 -6.74 2.86 -3.64
N LEU A 40 -7.34 2.72 -2.45
CA LEU A 40 -8.51 1.86 -2.28
C LEU A 40 -9.69 2.32 -3.16
N GLN A 41 -9.72 3.62 -3.52
CA GLN A 41 -10.79 4.16 -4.34
C GLN A 41 -10.79 3.56 -5.74
N ARG A 42 -9.59 3.36 -6.31
CA ARG A 42 -9.47 2.78 -7.65
C ARG A 42 -9.74 1.27 -7.63
N GLN A 43 -9.43 0.63 -6.51
CA GLN A 43 -9.65 -0.82 -6.37
C GLN A 43 -11.15 -1.12 -6.26
N GLN A 44 -11.87 -0.27 -5.55
CA GLN A 44 -13.32 -0.46 -5.38
C GLN A 44 -14.06 -0.16 -6.68
N ASN A 45 -13.59 0.86 -7.40
CA ASN A 45 -14.20 1.26 -8.66
C ASN A 45 -13.75 0.36 -9.83
N SER A 46 -12.82 -0.56 -9.59
CA SER A 46 -12.33 -1.46 -10.64
C SER A 46 -13.46 -2.30 -11.23
N GLY A 47 -14.20 -2.99 -10.36
CA GLY A 47 -15.32 -3.82 -10.79
C GLY A 47 -15.30 -5.19 -10.10
N ARG A 48 -15.55 -5.18 -8.80
CA ARG A 48 -15.56 -6.43 -8.01
C ARG A 48 -16.99 -6.81 -7.64
N MET A 49 -17.92 -6.58 -8.57
CA MET A 49 -19.33 -6.91 -8.34
C MET A 49 -19.78 -8.05 -9.25
N SER A 50 -19.60 -7.88 -10.56
CA SER A 50 -19.99 -8.90 -11.53
C SER A 50 -18.81 -9.84 -11.84
N PRO A 51 -19.05 -10.99 -12.45
CA PRO A 51 -17.97 -11.97 -12.79
C PRO A 51 -16.88 -11.34 -13.66
N MET A 52 -17.25 -10.93 -14.88
CA MET A 52 -16.31 -10.32 -15.80
C MET A 52 -16.13 -8.84 -15.50
N GLY A 53 -17.20 -8.07 -15.62
CA GLY A 53 -17.16 -6.63 -15.35
C GLY A 53 -17.97 -5.86 -16.38
N THR A 54 -17.49 -5.85 -17.63
CA THR A 54 -18.18 -5.14 -18.71
C THR A 54 -18.97 -6.11 -19.57
N ALA A 55 -20.10 -5.65 -20.11
CA ALA A 55 -20.94 -6.48 -20.97
C ALA A 55 -20.44 -6.44 -22.41
N SER A 56 -20.13 -5.23 -22.89
CA SER A 56 -19.65 -5.06 -24.26
C SER A 56 -18.12 -5.00 -24.28
N GLY A 57 -17.54 -4.31 -23.31
CA GLY A 57 -16.08 -4.18 -23.21
C GLY A 57 -15.55 -3.30 -24.33
N SER A 58 -15.76 -1.99 -24.21
CA SER A 58 -15.28 -1.04 -25.22
C SER A 58 -14.04 -0.29 -24.72
N ASN A 59 -13.20 -0.99 -23.95
CA ASN A 59 -11.97 -0.40 -23.41
C ASN A 59 -10.75 -0.95 -24.13
N SER A 60 -9.74 -0.10 -24.34
CA SER A 60 -8.51 -0.51 -25.01
C SER A 60 -7.37 0.48 -24.70
N PRO A 61 -6.12 0.08 -24.87
CA PRO A 61 -4.95 0.96 -24.59
C PRO A 61 -5.01 2.28 -25.37
N THR A 62 -4.02 3.15 -25.14
CA THR A 62 -3.98 4.44 -25.82
C THR A 62 -2.54 4.84 -26.12
N GLY A 1 33.06 -4.83 14.74
CA GLY A 1 32.38 -5.63 13.70
C GLY A 1 32.83 -5.18 12.32
N SER A 2 33.31 -6.13 11.51
CA SER A 2 33.79 -5.82 10.17
C SER A 2 32.62 -5.82 9.18
N MET A 3 32.49 -4.73 8.42
CA MET A 3 31.41 -4.62 7.44
C MET A 3 31.79 -5.32 6.14
N ALA A 4 31.31 -6.56 5.98
CA ALA A 4 31.60 -7.35 4.78
C ALA A 4 30.34 -8.05 4.29
N GLN A 5 29.80 -8.94 5.11
CA GLN A 5 28.58 -9.69 4.76
C GLN A 5 27.35 -9.07 5.43
N GLU A 6 27.36 -7.73 5.56
CA GLU A 6 26.25 -7.02 6.19
C GLU A 6 25.40 -6.33 5.12
N THR A 7 24.10 -6.62 5.12
CA THR A 7 23.17 -6.03 4.15
C THR A 7 22.93 -4.55 4.44
N ASN A 8 22.53 -3.80 3.42
CA ASN A 8 22.27 -2.37 3.57
C ASN A 8 20.76 -2.10 3.63
N GLN A 9 20.00 -3.06 4.17
CA GLN A 9 18.54 -2.92 4.28
C GLN A 9 18.05 -3.45 5.62
N THR A 10 17.51 -2.55 6.46
CA THR A 10 17.00 -2.93 7.77
C THR A 10 15.47 -2.91 7.77
N PRO A 11 14.81 -3.93 8.32
CA PRO A 11 13.31 -3.98 8.35
C PRO A 11 12.72 -3.14 9.49
N GLY A 12 11.84 -2.20 9.15
CA GLY A 12 11.21 -1.35 10.16
C GLY A 12 10.54 -0.12 9.53
N PRO A 13 11.26 0.68 8.77
CA PRO A 13 10.69 1.92 8.13
C PRO A 13 9.87 1.60 6.89
N MET A 14 8.60 1.23 7.10
CA MET A 14 7.71 0.91 5.99
C MET A 14 7.30 2.16 5.22
N LEU A 15 8.18 2.60 4.30
CA LEU A 15 7.89 3.78 3.49
C LEU A 15 6.88 3.42 2.41
N CYS A 16 5.97 4.36 2.08
CA CYS A 16 4.92 4.14 1.06
C CYS A 16 5.41 3.36 -0.16
N SER A 17 4.65 2.35 -0.56
CA SER A 17 5.00 1.53 -1.73
C SER A 17 4.93 2.36 -3.01
N THR A 18 4.11 3.41 -3.02
CA THR A 18 3.99 4.28 -4.21
C THR A 18 5.17 5.27 -4.30
N GLY A 19 5.96 5.40 -3.21
CA GLY A 19 7.13 6.29 -3.22
C GLY A 19 6.77 7.76 -3.05
N CYS A 20 5.78 8.06 -2.22
CA CYS A 20 5.39 9.46 -1.98
C CYS A 20 6.37 10.17 -1.02
N GLY A 21 7.30 9.41 -0.41
CA GLY A 21 8.28 9.99 0.51
C GLY A 21 7.75 10.12 1.96
N PHE A 22 6.55 9.58 2.22
CA PHE A 22 5.98 9.64 3.56
C PHE A 22 5.98 8.25 4.20
N TYR A 23 5.62 8.19 5.48
CA TYR A 23 5.61 6.92 6.20
C TYR A 23 4.35 6.12 5.87
N GLY A 24 4.50 4.79 5.84
CA GLY A 24 3.39 3.89 5.54
C GLY A 24 3.12 2.96 6.73
N ASN A 25 2.00 2.23 6.68
CA ASN A 25 1.64 1.32 7.78
C ASN A 25 1.71 -0.14 7.31
N PRO A 26 2.17 -1.07 8.16
CA PRO A 26 2.26 -2.52 7.78
C PRO A 26 0.90 -3.20 7.81
N ARG A 27 -0.01 -2.72 8.67
CA ARG A 27 -1.36 -3.29 8.74
C ARG A 27 -2.16 -2.90 7.49
N THR A 28 -1.80 -1.75 6.90
CA THR A 28 -2.46 -1.27 5.69
C THR A 28 -1.81 -1.97 4.47
N ASN A 29 -1.83 -1.33 3.29
CA ASN A 29 -1.21 -1.92 2.10
C ASN A 29 0.26 -1.48 1.95
N GLY A 30 0.93 -1.16 3.07
CA GLY A 30 2.31 -0.70 3.01
C GLY A 30 2.37 0.74 2.46
N MET A 31 1.22 1.44 2.43
CA MET A 31 1.17 2.81 1.93
C MET A 31 0.64 3.74 3.02
N CYS A 32 0.84 5.04 2.83
CA CYS A 32 0.42 6.04 3.80
C CYS A 32 -1.11 6.25 3.73
N SER A 33 -1.59 7.31 4.38
CA SER A 33 -3.02 7.61 4.44
C SER A 33 -3.58 8.16 3.12
N VAL A 34 -2.80 8.99 2.45
CA VAL A 34 -3.26 9.62 1.19
C VAL A 34 -3.31 8.60 0.06
N CYS A 35 -2.22 7.85 -0.11
CA CYS A 35 -2.12 6.86 -1.18
C CYS A 35 -3.03 5.65 -0.93
N TYR A 36 -3.19 5.29 0.34
CA TYR A 36 -4.04 4.15 0.70
C TYR A 36 -5.52 4.44 0.44
N LYS A 37 -5.93 5.71 0.50
CA LYS A 37 -7.32 6.07 0.25
C LYS A 37 -7.60 6.07 -1.24
N GLU A 38 -6.70 6.68 -2.01
CA GLU A 38 -6.84 6.76 -3.47
C GLU A 38 -6.76 5.36 -4.08
N HIS A 39 -5.87 4.53 -3.54
CA HIS A 39 -5.68 3.16 -4.04
C HIS A 39 -6.94 2.32 -3.79
N LEU A 40 -7.53 2.47 -2.60
CA LEU A 40 -8.71 1.70 -2.23
C LEU A 40 -9.96 2.13 -3.00
N GLN A 41 -10.16 3.45 -3.17
CA GLN A 41 -11.34 3.93 -3.89
C GLN A 41 -11.31 3.52 -5.36
N ARG A 42 -10.10 3.48 -5.93
CA ARG A 42 -9.92 3.08 -7.33
C ARG A 42 -10.00 1.54 -7.45
N GLN A 43 -9.62 0.83 -6.39
CA GLN A 43 -9.67 -0.64 -6.39
C GLN A 43 -11.11 -1.15 -6.22
N GLN A 44 -11.90 -0.44 -5.41
CA GLN A 44 -13.30 -0.84 -5.14
C GLN A 44 -14.24 -0.50 -6.31
N ASN A 45 -13.87 0.48 -7.14
CA ASN A 45 -14.71 0.90 -8.27
C ASN A 45 -15.02 -0.25 -9.22
N SER A 46 -14.04 -1.12 -9.48
CA SER A 46 -14.23 -2.25 -10.38
C SER A 46 -13.62 -3.53 -9.81
N GLY A 47 -12.33 -3.48 -9.48
CA GLY A 47 -11.63 -4.64 -8.93
C GLY A 47 -11.46 -5.72 -9.99
N ARG A 48 -10.92 -5.32 -11.15
CA ARG A 48 -10.70 -6.25 -12.26
C ARG A 48 -9.21 -6.32 -12.60
N MET A 49 -8.80 -7.42 -13.24
CA MET A 49 -7.40 -7.59 -13.62
C MET A 49 -7.04 -6.62 -14.75
N SER A 50 -6.19 -5.64 -14.44
CA SER A 50 -5.79 -4.64 -15.43
C SER A 50 -4.35 -4.17 -15.18
N PRO A 51 -3.67 -3.65 -16.19
CA PRO A 51 -2.27 -3.16 -16.05
C PRO A 51 -2.17 -1.92 -15.14
N MET A 52 -0.95 -1.61 -14.71
CA MET A 52 -0.72 -0.45 -13.83
C MET A 52 -1.06 0.85 -14.55
N GLY A 53 -0.83 0.89 -15.87
CA GLY A 53 -1.12 2.09 -16.65
C GLY A 53 0.07 3.04 -16.69
N THR A 54 0.37 3.63 -15.54
CA THR A 54 1.49 4.57 -15.43
C THR A 54 2.82 3.83 -15.30
N ALA A 55 3.84 4.32 -16.01
CA ALA A 55 5.16 3.71 -15.97
C ALA A 55 5.86 4.05 -14.65
N SER A 56 6.89 3.27 -14.32
CA SER A 56 7.64 3.49 -13.08
C SER A 56 8.75 4.51 -13.30
N GLY A 57 9.52 4.78 -12.24
CA GLY A 57 10.61 5.73 -12.33
C GLY A 57 10.09 7.17 -12.37
N SER A 58 9.17 7.49 -11.45
CA SER A 58 8.59 8.84 -11.39
C SER A 58 9.45 9.74 -10.52
N ASN A 59 9.96 9.19 -9.41
CA ASN A 59 10.80 9.95 -8.49
C ASN A 59 12.25 9.97 -8.98
N SER A 60 12.81 11.17 -9.15
CA SER A 60 14.18 11.32 -9.61
C SER A 60 14.74 12.69 -9.20
N PRO A 61 16.06 12.85 -9.14
CA PRO A 61 16.68 14.16 -8.76
C PRO A 61 16.24 15.30 -9.66
N THR A 62 15.97 16.46 -9.06
CA THR A 62 15.53 17.64 -9.81
C THR A 62 16.72 18.30 -10.51
N GLY A 1 16.40 -12.01 22.01
CA GLY A 1 15.56 -10.79 22.20
C GLY A 1 15.39 -10.08 20.86
N SER A 2 16.43 -9.35 20.44
CA SER A 2 16.39 -8.62 19.18
C SER A 2 17.72 -8.76 18.44
N MET A 3 17.72 -9.58 17.38
CA MET A 3 18.93 -9.82 16.59
C MET A 3 18.87 -9.01 15.29
N ALA A 4 19.46 -7.81 15.31
CA ALA A 4 19.47 -6.93 14.14
C ALA A 4 20.90 -6.70 13.63
N GLN A 5 21.85 -6.62 14.55
CA GLN A 5 23.25 -6.38 14.18
C GLN A 5 23.83 -7.57 13.42
N GLU A 6 23.40 -8.78 13.77
CA GLU A 6 23.91 -9.99 13.13
C GLU A 6 22.96 -10.45 12.01
N THR A 7 22.63 -9.53 11.10
CA THR A 7 21.75 -9.84 9.97
C THR A 7 22.18 -9.06 8.74
N ASN A 8 21.86 -9.59 7.56
CA ASN A 8 22.21 -8.92 6.30
C ASN A 8 21.38 -7.65 6.14
N GLN A 9 20.06 -7.78 6.32
CA GLN A 9 19.16 -6.63 6.20
C GLN A 9 18.41 -6.43 7.51
N THR A 10 17.61 -5.36 7.57
CA THR A 10 16.84 -5.06 8.78
C THR A 10 15.44 -4.55 8.41
N PRO A 11 14.45 -5.43 8.26
CA PRO A 11 13.05 -5.03 7.92
C PRO A 11 12.39 -4.23 9.04
N GLY A 12 11.68 -3.15 8.67
CA GLY A 12 11.01 -2.32 9.67
C GLY A 12 10.47 -1.02 9.05
N PRO A 13 11.32 -0.20 8.44
CA PRO A 13 10.88 1.08 7.81
C PRO A 13 10.01 0.84 6.57
N MET A 14 8.75 0.48 6.81
CA MET A 14 7.81 0.22 5.72
C MET A 14 7.43 1.53 5.02
N LEU A 15 8.29 1.98 4.10
CA LEU A 15 8.05 3.22 3.38
C LEU A 15 6.97 3.02 2.32
N CYS A 16 6.16 4.05 2.09
CA CYS A 16 5.04 3.99 1.11
C CYS A 16 5.44 3.34 -0.23
N SER A 17 4.59 2.42 -0.68
CA SER A 17 4.82 1.69 -1.93
C SER A 17 4.77 2.63 -3.13
N THR A 18 3.92 3.67 -3.05
CA THR A 18 3.78 4.62 -4.16
C THR A 18 5.00 5.56 -4.28
N GLY A 19 5.87 5.58 -3.26
CA GLY A 19 7.07 6.42 -3.32
C GLY A 19 6.74 7.90 -3.09
N CYS A 20 5.87 8.17 -2.11
CA CYS A 20 5.47 9.55 -1.81
C CYS A 20 6.47 10.25 -0.86
N GLY A 21 7.35 9.47 -0.19
CA GLY A 21 8.34 10.05 0.72
C GLY A 21 7.90 10.04 2.19
N PHE A 22 6.73 9.44 2.47
CA PHE A 22 6.21 9.39 3.84
C PHE A 22 6.18 7.94 4.35
N TYR A 23 6.07 7.78 5.67
CA TYR A 23 6.04 6.45 6.28
C TYR A 23 4.77 5.70 5.90
N GLY A 24 4.89 4.38 5.73
CA GLY A 24 3.75 3.54 5.36
C GLY A 24 3.34 2.64 6.53
N ASN A 25 2.12 2.12 6.48
CA ASN A 25 1.62 1.24 7.53
C ASN A 25 1.52 -0.21 7.03
N PRO A 26 2.23 -1.16 7.62
CA PRO A 26 2.17 -2.59 7.18
C PRO A 26 0.80 -3.21 7.46
N ARG A 27 0.01 -2.60 8.37
CA ARG A 27 -1.32 -3.09 8.68
C ARG A 27 -2.28 -2.72 7.53
N THR A 28 -2.01 -1.57 6.89
CA THR A 28 -2.83 -1.11 5.77
C THR A 28 -2.40 -1.89 4.52
N ASN A 29 -2.58 -1.31 3.32
CA ASN A 29 -2.20 -2.00 2.08
C ASN A 29 -0.76 -1.69 1.67
N GLY A 30 0.11 -1.37 2.65
CA GLY A 30 1.50 -1.03 2.35
C GLY A 30 1.66 0.44 1.98
N MET A 31 0.59 1.25 2.19
CA MET A 31 0.62 2.66 1.84
C MET A 31 0.34 3.54 3.07
N CYS A 32 0.71 4.81 2.97
CA CYS A 32 0.50 5.76 4.06
C CYS A 32 -1.00 6.09 4.17
N SER A 33 -1.34 7.25 4.76
CA SER A 33 -2.74 7.63 4.94
C SER A 33 -3.39 8.11 3.63
N VAL A 34 -2.72 9.02 2.94
CA VAL A 34 -3.26 9.60 1.69
C VAL A 34 -3.30 8.58 0.55
N CYS A 35 -2.16 7.93 0.29
CA CYS A 35 -2.05 6.96 -0.80
C CYS A 35 -3.02 5.79 -0.62
N TYR A 36 -3.24 5.38 0.63
CA TYR A 36 -4.13 4.24 0.93
C TYR A 36 -5.56 4.48 0.42
N LYS A 37 -6.13 5.65 0.71
CA LYS A 37 -7.48 5.96 0.28
C LYS A 37 -7.51 6.21 -1.23
N GLU A 38 -6.53 6.97 -1.71
CA GLU A 38 -6.43 7.31 -3.13
C GLU A 38 -6.43 6.06 -4.02
N HIS A 39 -5.73 5.00 -3.59
CA HIS A 39 -5.67 3.78 -4.39
C HIS A 39 -6.87 2.86 -4.12
N LEU A 40 -7.36 2.87 -2.88
CA LEU A 40 -8.50 2.03 -2.49
C LEU A 40 -9.76 2.41 -3.28
N GLN A 41 -9.88 3.69 -3.64
CA GLN A 41 -11.04 4.17 -4.39
C GLN A 41 -11.11 3.55 -5.79
N ARG A 42 -9.95 3.40 -6.44
CA ARG A 42 -9.90 2.81 -7.78
C ARG A 42 -9.99 1.29 -7.73
N GLN A 43 -9.48 0.71 -6.63
CA GLN A 43 -9.52 -0.74 -6.46
C GLN A 43 -10.94 -1.18 -6.08
N GLN A 44 -11.61 -0.38 -5.25
CA GLN A 44 -12.97 -0.68 -4.81
C GLN A 44 -13.98 -0.46 -5.94
N ASN A 45 -13.78 0.62 -6.71
CA ASN A 45 -14.69 0.94 -7.81
C ASN A 45 -14.59 -0.10 -8.92
N SER A 46 -13.36 -0.53 -9.22
CA SER A 46 -13.13 -1.53 -10.26
C SER A 46 -13.53 -2.92 -9.78
N GLY A 47 -12.83 -3.42 -8.76
CA GLY A 47 -13.12 -4.74 -8.21
C GLY A 47 -12.69 -5.83 -9.18
N ARG A 48 -11.41 -5.82 -9.57
CA ARG A 48 -10.87 -6.82 -10.49
C ARG A 48 -9.66 -7.52 -9.88
N MET A 49 -8.73 -6.73 -9.33
CA MET A 49 -7.53 -7.28 -8.70
C MET A 49 -7.68 -7.32 -7.18
N SER A 50 -7.75 -8.52 -6.62
CA SER A 50 -7.89 -8.68 -5.17
C SER A 50 -6.52 -8.76 -4.49
N PRO A 51 -6.45 -8.64 -3.18
CA PRO A 51 -5.15 -8.70 -2.43
C PRO A 51 -4.42 -10.02 -2.66
N MET A 52 -3.17 -10.09 -2.17
CA MET A 52 -2.36 -11.29 -2.33
C MET A 52 -2.67 -12.29 -1.22
N GLY A 53 -2.06 -13.48 -1.31
CA GLY A 53 -2.28 -14.52 -0.31
C GLY A 53 -3.67 -15.15 -0.45
N THR A 54 -4.12 -15.29 -1.70
CA THR A 54 -5.43 -15.87 -1.97
C THR A 54 -5.29 -17.37 -2.26
N ALA A 55 -6.38 -18.11 -2.08
CA ALA A 55 -6.38 -19.55 -2.33
C ALA A 55 -6.68 -19.83 -3.79
N SER A 56 -5.97 -20.81 -4.36
CA SER A 56 -6.17 -21.18 -5.76
C SER A 56 -7.38 -22.10 -5.91
N GLY A 57 -7.74 -22.41 -7.16
CA GLY A 57 -8.87 -23.28 -7.43
C GLY A 57 -10.15 -22.46 -7.65
N SER A 58 -10.27 -21.87 -8.85
CA SER A 58 -11.44 -21.06 -9.19
C SER A 58 -12.14 -21.62 -10.43
N ASN A 59 -12.16 -22.95 -10.54
CA ASN A 59 -12.80 -23.62 -11.67
C ASN A 59 -14.32 -23.50 -11.59
N SER A 60 -14.94 -23.02 -12.66
CA SER A 60 -16.39 -22.86 -12.70
C SER A 60 -16.89 -22.82 -14.15
N PRO A 61 -17.20 -23.96 -14.75
CA PRO A 61 -17.69 -24.03 -16.15
C PRO A 61 -19.18 -23.69 -16.27
N THR A 62 -19.74 -23.93 -17.46
CA THR A 62 -21.15 -23.65 -17.69
C THR A 62 -21.66 -24.39 -18.94
N GLY A 1 25.31 18.53 -1.25
CA GLY A 1 24.15 19.44 -0.98
C GLY A 1 23.85 19.44 0.52
N SER A 2 22.65 19.89 0.88
CA SER A 2 22.22 19.95 2.28
C SER A 2 21.20 18.86 2.57
N MET A 3 21.61 17.86 3.37
CA MET A 3 20.71 16.76 3.72
C MET A 3 21.05 16.21 5.10
N ALA A 4 20.22 16.54 6.09
CA ALA A 4 20.44 16.07 7.46
C ALA A 4 19.13 15.59 8.09
N GLN A 5 18.25 15.00 7.26
CA GLN A 5 16.96 14.50 7.74
C GLN A 5 16.66 13.12 7.16
N GLU A 6 17.72 12.32 6.99
CA GLU A 6 17.59 10.95 6.45
C GLU A 6 18.37 9.96 7.29
N THR A 7 17.66 9.19 8.12
CA THR A 7 18.29 8.20 8.97
C THR A 7 18.62 6.93 8.18
N ASN A 8 19.68 6.23 8.59
CA ASN A 8 20.10 5.00 7.92
C ASN A 8 19.73 3.76 8.73
N GLN A 9 19.81 3.88 10.06
CA GLN A 9 19.48 2.78 10.96
C GLN A 9 18.07 2.91 11.50
N THR A 10 17.11 2.25 10.83
CA THR A 10 15.72 2.29 11.25
C THR A 10 15.00 0.98 10.90
N PRO A 11 15.01 -0.02 11.78
CA PRO A 11 14.34 -1.33 11.52
C PRO A 11 12.85 -1.18 11.21
N GLY A 12 12.36 -1.97 10.24
CA GLY A 12 10.95 -1.92 9.85
C GLY A 12 10.61 -0.65 9.05
N PRO A 13 11.42 -0.24 8.07
CA PRO A 13 11.14 0.99 7.26
C PRO A 13 10.04 0.76 6.21
N MET A 14 8.79 0.63 6.69
CA MET A 14 7.66 0.43 5.80
C MET A 14 7.34 1.72 5.03
N LEU A 15 8.20 2.08 4.08
CA LEU A 15 7.99 3.30 3.30
C LEU A 15 6.95 3.05 2.20
N CYS A 16 6.08 4.04 1.98
CA CYS A 16 4.99 3.96 0.99
C CYS A 16 5.37 3.24 -0.30
N SER A 17 4.45 2.36 -0.76
CA SER A 17 4.67 1.59 -1.98
C SER A 17 4.74 2.50 -3.21
N THR A 18 4.04 3.64 -3.17
CA THR A 18 4.03 4.57 -4.29
C THR A 18 5.28 5.49 -4.28
N GLY A 19 6.09 5.43 -3.22
CA GLY A 19 7.31 6.26 -3.14
C GLY A 19 6.98 7.73 -2.91
N CYS A 20 6.04 8.01 -2.00
CA CYS A 20 5.67 9.40 -1.72
C CYS A 20 6.63 10.09 -0.73
N GLY A 21 7.58 9.32 -0.15
CA GLY A 21 8.55 9.90 0.80
C GLY A 21 8.05 9.87 2.25
N PHE A 22 6.85 9.33 2.50
CA PHE A 22 6.29 9.27 3.85
C PHE A 22 6.23 7.83 4.36
N TYR A 23 5.79 7.69 5.61
CA TYR A 23 5.72 6.37 6.23
C TYR A 23 4.43 5.62 5.88
N GLY A 24 4.55 4.30 5.74
CA GLY A 24 3.41 3.44 5.43
C GLY A 24 3.12 2.51 6.62
N ASN A 25 1.90 1.98 6.68
CA ASN A 25 1.51 1.06 7.75
C ASN A 25 1.44 -0.38 7.23
N PRO A 26 1.91 -1.36 7.99
CA PRO A 26 1.85 -2.78 7.54
C PRO A 26 0.44 -3.38 7.62
N ARG A 27 -0.42 -2.80 8.47
CA ARG A 27 -1.80 -3.27 8.58
C ARG A 27 -2.62 -2.80 7.38
N THR A 28 -2.23 -1.66 6.79
CA THR A 28 -2.91 -1.14 5.62
C THR A 28 -2.39 -1.88 4.38
N ASN A 29 -2.40 -1.22 3.20
CA ASN A 29 -1.90 -1.85 1.97
C ASN A 29 -0.42 -1.54 1.76
N GLY A 30 0.34 -1.31 2.85
CA GLY A 30 1.75 -0.98 2.73
C GLY A 30 1.95 0.48 2.31
N MET A 31 0.89 1.31 2.42
CA MET A 31 0.97 2.71 2.03
C MET A 31 0.60 3.64 3.18
N CYS A 32 0.84 4.93 2.98
CA CYS A 32 0.55 5.93 4.00
C CYS A 32 -0.95 6.28 4.01
N SER A 33 -1.32 7.38 4.68
CA SER A 33 -2.74 7.78 4.77
C SER A 33 -3.26 8.42 3.47
N VAL A 34 -2.46 9.28 2.85
CA VAL A 34 -2.88 9.98 1.62
C VAL A 34 -3.03 9.02 0.43
N CYS A 35 -2.01 8.20 0.20
CA CYS A 35 -2.00 7.26 -0.92
C CYS A 35 -2.99 6.10 -0.72
N TYR A 36 -3.14 5.67 0.53
CA TYR A 36 -4.03 4.54 0.84
C TYR A 36 -5.50 4.89 0.55
N LYS A 37 -5.86 6.17 0.61
CA LYS A 37 -7.24 6.58 0.34
C LYS A 37 -7.50 6.55 -1.17
N GLU A 38 -6.51 7.01 -1.93
CA GLU A 38 -6.62 7.05 -3.40
C GLU A 38 -6.65 5.64 -3.99
N HIS A 39 -5.74 4.78 -3.52
CA HIS A 39 -5.64 3.39 -4.03
C HIS A 39 -6.96 2.63 -3.87
N LEU A 40 -7.57 2.75 -2.69
CA LEU A 40 -8.83 2.06 -2.40
C LEU A 40 -9.97 2.53 -3.33
N GLN A 41 -9.90 3.78 -3.78
CA GLN A 41 -10.94 4.32 -4.67
C GLN A 41 -10.92 3.61 -6.03
N ARG A 42 -9.72 3.21 -6.47
CA ARG A 42 -9.57 2.54 -7.75
C ARG A 42 -9.85 1.05 -7.64
N GLN A 43 -9.52 0.45 -6.50
CA GLN A 43 -9.76 -0.98 -6.27
C GLN A 43 -11.23 -1.25 -5.92
N GLN A 44 -11.90 -0.26 -5.33
CA GLN A 44 -13.30 -0.41 -4.94
C GLN A 44 -14.23 -0.28 -6.15
N ASN A 45 -13.95 0.69 -7.03
CA ASN A 45 -14.78 0.91 -8.22
C ASN A 45 -14.69 -0.28 -9.18
N SER A 46 -13.48 -0.81 -9.35
CA SER A 46 -13.27 -1.96 -10.24
C SER A 46 -13.85 -3.22 -9.60
N GLY A 47 -13.28 -3.63 -8.47
CA GLY A 47 -13.74 -4.82 -7.76
C GLY A 47 -13.02 -6.07 -8.24
N ARG A 48 -13.06 -6.33 -9.55
CA ARG A 48 -12.41 -7.51 -10.12
C ARG A 48 -11.64 -7.16 -11.39
N MET A 49 -12.34 -6.61 -12.38
CA MET A 49 -11.70 -6.24 -13.65
C MET A 49 -10.81 -5.02 -13.47
N SER A 50 -9.50 -5.24 -13.51
CA SER A 50 -8.53 -4.16 -13.36
C SER A 50 -8.05 -3.67 -14.73
N PRO A 51 -7.55 -2.45 -14.85
CA PRO A 51 -7.06 -1.90 -16.15
C PRO A 51 -5.69 -2.46 -16.53
N MET A 52 -5.14 -1.96 -17.63
CA MET A 52 -3.83 -2.40 -18.11
C MET A 52 -2.73 -1.56 -17.47
N GLY A 53 -2.71 -0.26 -17.81
CA GLY A 53 -1.71 0.66 -17.26
C GLY A 53 -1.25 1.64 -18.33
N THR A 54 -0.68 1.11 -19.42
CA THR A 54 -0.21 1.96 -20.51
C THR A 54 -1.38 2.56 -21.28
N ALA A 55 -1.08 3.50 -22.18
CA ALA A 55 -2.12 4.15 -22.97
C ALA A 55 -2.27 3.45 -24.32
N SER A 56 -3.32 3.81 -25.06
CA SER A 56 -3.58 3.22 -26.37
C SER A 56 -4.17 4.26 -27.31
N GLY A 57 -5.30 4.86 -26.90
CA GLY A 57 -5.96 5.87 -27.72
C GLY A 57 -6.98 5.24 -28.65
N SER A 58 -7.89 4.44 -28.08
CA SER A 58 -8.93 3.77 -28.87
C SER A 58 -10.22 3.66 -28.06
N ASN A 59 -10.13 3.01 -26.89
CA ASN A 59 -11.30 2.84 -26.02
C ASN A 59 -11.37 3.95 -24.98
N SER A 60 -12.59 4.34 -24.61
CA SER A 60 -12.78 5.39 -23.62
C SER A 60 -12.79 4.80 -22.19
N PRO A 61 -12.42 5.57 -21.18
CA PRO A 61 -12.39 5.08 -19.78
C PRO A 61 -13.77 5.07 -19.14
N THR A 62 -14.38 3.88 -19.05
CA THR A 62 -15.71 3.75 -18.47
C THR A 62 -15.65 3.87 -16.95
N GLY A 1 22.61 4.93 27.28
CA GLY A 1 21.61 5.35 26.26
C GLY A 1 22.12 4.99 24.86
N SER A 2 21.78 3.79 24.40
CA SER A 2 22.20 3.32 23.07
C SER A 2 21.01 3.22 22.12
N MET A 3 20.02 4.10 22.30
CA MET A 3 18.84 4.11 21.45
C MET A 3 19.18 4.56 20.04
N ALA A 4 19.80 5.74 19.93
CA ALA A 4 20.17 6.29 18.62
C ALA A 4 21.68 6.12 18.38
N GLN A 5 22.24 5.04 18.91
CA GLN A 5 23.67 4.75 18.76
C GLN A 5 23.88 3.45 17.96
N GLU A 6 22.97 3.17 17.03
CA GLU A 6 23.06 1.95 16.22
C GLU A 6 23.43 2.28 14.77
N THR A 7 23.51 1.23 13.94
CA THR A 7 23.85 1.40 12.53
C THR A 7 22.68 1.99 11.76
N ASN A 8 22.94 2.45 10.53
CA ASN A 8 21.88 3.04 9.70
C ASN A 8 21.48 2.10 8.56
N GLN A 9 21.63 0.78 8.79
CA GLN A 9 21.27 -0.22 7.79
C GLN A 9 20.53 -1.38 8.45
N THR A 10 19.25 -1.15 8.76
CA THR A 10 18.42 -2.18 9.40
C THR A 10 16.95 -1.91 9.06
N PRO A 11 16.11 -2.95 9.01
CA PRO A 11 14.67 -2.78 8.68
C PRO A 11 13.89 -2.15 9.83
N GLY A 12 12.64 -1.76 9.56
CA GLY A 12 11.80 -1.14 10.58
C GLY A 12 10.93 -0.02 9.98
N PRO A 13 11.51 0.96 9.31
CA PRO A 13 10.75 2.09 8.71
C PRO A 13 10.07 1.72 7.39
N MET A 14 8.80 1.33 7.46
CA MET A 14 8.05 0.96 6.27
C MET A 14 7.70 2.20 5.44
N LEU A 15 8.53 2.49 4.44
CA LEU A 15 8.31 3.64 3.57
C LEU A 15 7.22 3.31 2.54
N CYS A 16 6.38 4.31 2.22
CA CYS A 16 5.28 4.12 1.26
C CYS A 16 5.76 3.50 -0.06
N SER A 17 5.18 2.34 -0.40
CA SER A 17 5.54 1.61 -1.62
C SER A 17 5.29 2.45 -2.88
N THR A 18 4.37 3.40 -2.82
CA THR A 18 4.06 4.24 -3.98
C THR A 18 5.19 5.24 -4.28
N GLY A 19 6.06 5.51 -3.29
CA GLY A 19 7.18 6.43 -3.51
C GLY A 19 6.78 7.88 -3.26
N CYS A 20 5.96 8.11 -2.24
CA CYS A 20 5.54 9.48 -1.90
C CYS A 20 6.52 10.14 -0.90
N GLY A 21 7.31 9.32 -0.18
CA GLY A 21 8.30 9.85 0.78
C GLY A 21 7.75 9.93 2.21
N PHE A 22 6.54 9.43 2.45
CA PHE A 22 5.92 9.46 3.77
C PHE A 22 6.00 8.10 4.45
N TYR A 23 5.41 8.00 5.65
CA TYR A 23 5.41 6.75 6.40
C TYR A 23 4.21 5.89 6.05
N GLY A 24 4.46 4.59 5.82
CA GLY A 24 3.38 3.65 5.46
C GLY A 24 3.05 2.70 6.61
N ASN A 25 1.89 2.02 6.51
CA ASN A 25 1.46 1.08 7.54
C ASN A 25 1.41 -0.37 7.00
N PRO A 26 1.92 -1.35 7.75
CA PRO A 26 1.91 -2.78 7.31
C PRO A 26 0.53 -3.42 7.46
N ARG A 27 -0.28 -2.91 8.41
CA ARG A 27 -1.63 -3.42 8.61
C ARG A 27 -2.52 -3.00 7.43
N THR A 28 -2.23 -1.81 6.87
CA THR A 28 -2.97 -1.32 5.72
C THR A 28 -2.43 -2.06 4.47
N ASN A 29 -2.53 -1.45 3.28
CA ASN A 29 -2.03 -2.08 2.06
C ASN A 29 -0.57 -1.66 1.77
N GLY A 30 0.20 -1.34 2.82
CA GLY A 30 1.59 -0.93 2.66
C GLY A 30 1.74 0.53 2.22
N MET A 31 0.66 1.32 2.35
CA MET A 31 0.68 2.72 1.95
C MET A 31 0.40 3.64 3.14
N CYS A 32 0.72 4.92 2.97
CA CYS A 32 0.51 5.91 4.02
C CYS A 32 -0.99 6.26 4.09
N SER A 33 -1.31 7.44 4.64
CA SER A 33 -2.72 7.85 4.78
C SER A 33 -3.34 8.26 3.43
N VAL A 34 -2.65 9.13 2.71
CA VAL A 34 -3.15 9.64 1.42
C VAL A 34 -3.21 8.54 0.35
N CYS A 35 -2.06 7.91 0.09
CA CYS A 35 -1.96 6.87 -0.93
C CYS A 35 -2.98 5.75 -0.71
N TYR A 36 -3.22 5.40 0.56
CA TYR A 36 -4.16 4.33 0.90
C TYR A 36 -5.58 4.61 0.36
N LYS A 37 -6.05 5.84 0.52
CA LYS A 37 -7.39 6.19 0.06
C LYS A 37 -7.43 6.28 -1.46
N GLU A 38 -6.44 6.97 -2.03
CA GLU A 38 -6.35 7.15 -3.48
C GLU A 38 -6.40 5.82 -4.25
N HIS A 39 -5.73 4.78 -3.72
CA HIS A 39 -5.72 3.49 -4.40
C HIS A 39 -6.93 2.63 -4.03
N LEU A 40 -7.40 2.75 -2.79
CA LEU A 40 -8.57 1.98 -2.33
C LEU A 40 -9.83 2.36 -3.12
N GLN A 41 -9.92 3.63 -3.51
CA GLN A 41 -11.07 4.11 -4.28
C GLN A 41 -11.04 3.51 -5.68
N ARG A 42 -9.83 3.39 -6.25
CA ARG A 42 -9.65 2.84 -7.60
C ARG A 42 -9.87 1.32 -7.59
N GLN A 43 -9.51 0.67 -6.48
CA GLN A 43 -9.66 -0.78 -6.36
C GLN A 43 -11.11 -1.16 -6.11
N GLN A 44 -11.82 -0.32 -5.35
CA GLN A 44 -13.22 -0.58 -5.03
C GLN A 44 -14.11 -0.25 -6.24
N ASN A 45 -13.75 0.80 -6.97
CA ASN A 45 -14.52 1.22 -8.14
C ASN A 45 -14.40 0.18 -9.25
N SER A 46 -13.21 -0.41 -9.38
CA SER A 46 -12.98 -1.43 -10.41
C SER A 46 -13.58 -2.76 -9.99
N GLY A 47 -13.26 -3.19 -8.76
CA GLY A 47 -13.78 -4.46 -8.24
C GLY A 47 -13.19 -5.64 -8.99
N ARG A 48 -11.86 -5.62 -9.17
CA ARG A 48 -11.17 -6.70 -9.88
C ARG A 48 -10.58 -7.71 -8.89
N MET A 49 -9.66 -7.24 -8.04
CA MET A 49 -9.02 -8.11 -7.05
C MET A 49 -9.58 -7.82 -5.65
N SER A 50 -10.45 -8.72 -5.18
CA SER A 50 -11.05 -8.56 -3.86
C SER A 50 -11.65 -9.89 -3.37
N PRO A 51 -11.81 -10.09 -2.07
CA PRO A 51 -12.39 -11.35 -1.52
C PRO A 51 -13.91 -11.41 -1.70
N MET A 52 -14.56 -10.26 -1.58
CA MET A 52 -16.02 -10.18 -1.73
C MET A 52 -16.41 -8.94 -2.52
N GLY A 53 -16.09 -7.76 -1.97
CA GLY A 53 -16.42 -6.50 -2.63
C GLY A 53 -17.68 -5.86 -2.04
N THR A 54 -18.64 -6.71 -1.67
CA THR A 54 -19.90 -6.23 -1.10
C THR A 54 -20.15 -6.88 0.25
N ALA A 55 -20.94 -6.20 1.10
CA ALA A 55 -21.26 -6.72 2.42
C ALA A 55 -22.51 -7.58 2.37
N SER A 56 -22.37 -8.87 2.71
CA SER A 56 -23.50 -9.79 2.70
C SER A 56 -24.21 -9.79 4.04
N GLY A 57 -25.31 -10.54 4.13
CA GLY A 57 -26.08 -10.61 5.37
C GLY A 57 -27.13 -9.49 5.43
N SER A 58 -28.23 -9.67 4.70
CA SER A 58 -29.30 -8.68 4.69
C SER A 58 -30.67 -9.34 4.57
N ASN A 59 -30.80 -10.53 5.18
CA ASN A 59 -32.06 -11.27 5.13
C ASN A 59 -33.08 -10.67 6.10
N SER A 60 -34.37 -10.85 5.78
CA SER A 60 -35.44 -10.31 6.63
C SER A 60 -36.56 -11.35 6.80
N PRO A 61 -37.25 -11.35 7.94
CA PRO A 61 -38.36 -12.33 8.19
C PRO A 61 -39.44 -12.28 7.11
N THR A 62 -40.02 -13.43 6.80
CA THR A 62 -41.08 -13.52 5.79
C THR A 62 -42.43 -13.20 6.39
N GLY A 1 31.99 -15.19 9.74
CA GLY A 1 30.66 -14.78 9.23
C GLY A 1 30.83 -13.76 8.10
N SER A 2 31.42 -14.20 7.00
CA SER A 2 31.64 -13.32 5.84
C SER A 2 31.30 -14.06 4.55
N MET A 3 30.68 -13.33 3.61
CA MET A 3 30.30 -13.92 2.32
C MET A 3 30.36 -12.87 1.22
N ALA A 4 30.03 -13.28 -0.01
CA ALA A 4 30.05 -12.38 -1.16
C ALA A 4 28.69 -11.73 -1.36
N GLN A 5 27.62 -12.52 -1.17
CA GLN A 5 26.25 -12.01 -1.33
C GLN A 5 25.63 -11.65 0.02
N GLU A 6 26.46 -11.24 0.98
CA GLU A 6 25.97 -10.87 2.31
C GLU A 6 25.34 -9.48 2.27
N THR A 7 24.03 -9.43 2.50
CA THR A 7 23.30 -8.16 2.49
C THR A 7 23.38 -7.48 3.87
N ASN A 8 23.08 -6.19 3.91
CA ASN A 8 23.12 -5.43 5.17
C ASN A 8 21.83 -4.64 5.37
N GLN A 9 20.71 -5.21 4.91
CA GLN A 9 19.41 -4.56 5.05
C GLN A 9 18.62 -5.17 6.20
N THR A 10 17.48 -4.56 6.53
CA THR A 10 16.63 -5.04 7.61
C THR A 10 15.20 -4.49 7.47
N PRO A 11 14.17 -5.26 7.81
CA PRO A 11 12.75 -4.80 7.70
C PRO A 11 12.38 -3.82 8.81
N GLY A 12 11.23 -3.15 8.64
CA GLY A 12 10.75 -2.19 9.63
C GLY A 12 10.30 -0.89 8.94
N PRO A 13 11.19 -0.18 8.27
CA PRO A 13 10.84 1.10 7.57
C PRO A 13 9.95 0.88 6.33
N MET A 14 8.67 0.56 6.57
CA MET A 14 7.73 0.35 5.48
C MET A 14 7.39 1.68 4.80
N LEU A 15 8.25 2.09 3.86
CA LEU A 15 8.04 3.35 3.13
C LEU A 15 6.95 3.16 2.08
N CYS A 16 6.15 4.21 1.86
CA CYS A 16 5.02 4.15 0.90
C CYS A 16 5.40 3.51 -0.45
N SER A 17 4.53 2.62 -0.91
CA SER A 17 4.72 1.91 -2.18
C SER A 17 4.60 2.85 -3.38
N THR A 18 3.88 3.97 -3.22
CA THR A 18 3.70 4.92 -4.31
C THR A 18 4.89 5.87 -4.48
N GLY A 19 5.75 5.97 -3.46
CA GLY A 19 6.92 6.84 -3.55
C GLY A 19 6.61 8.28 -3.16
N CYS A 20 5.69 8.47 -2.20
CA CYS A 20 5.34 9.82 -1.75
C CYS A 20 6.43 10.38 -0.82
N GLY A 21 7.27 9.49 -0.24
CA GLY A 21 8.35 9.92 0.66
C GLY A 21 7.92 9.93 2.14
N PHE A 22 6.73 9.38 2.44
CA PHE A 22 6.22 9.36 3.80
C PHE A 22 6.33 7.94 4.40
N TYR A 23 5.72 7.74 5.57
CA TYR A 23 5.76 6.43 6.22
C TYR A 23 4.49 5.63 5.94
N GLY A 24 4.65 4.31 5.77
CA GLY A 24 3.51 3.42 5.51
C GLY A 24 3.28 2.49 6.69
N ASN A 25 2.16 1.75 6.67
CA ASN A 25 1.84 0.82 7.76
C ASN A 25 1.65 -0.61 7.20
N PRO A 26 2.12 -1.64 7.90
CA PRO A 26 1.96 -3.05 7.43
C PRO A 26 0.54 -3.58 7.63
N ARG A 27 -0.25 -2.91 8.48
CA ARG A 27 -1.63 -3.31 8.73
C ARG A 27 -2.52 -2.83 7.57
N THR A 28 -2.18 -1.66 7.01
CA THR A 28 -2.93 -1.12 5.88
C THR A 28 -2.50 -1.87 4.61
N ASN A 29 -2.56 -1.23 3.43
CA ASN A 29 -2.17 -1.87 2.18
C ASN A 29 -0.66 -1.66 1.90
N GLY A 30 0.15 -1.53 2.96
CA GLY A 30 1.59 -1.33 2.80
C GLY A 30 1.93 0.10 2.34
N MET A 31 0.95 1.02 2.45
CA MET A 31 1.16 2.41 2.04
C MET A 31 0.74 3.36 3.17
N CYS A 32 0.95 4.66 2.96
CA CYS A 32 0.62 5.65 3.98
C CYS A 32 -0.90 5.92 4.02
N SER A 33 -1.29 6.97 4.75
CA SER A 33 -2.72 7.29 4.91
C SER A 33 -3.37 7.93 3.67
N VAL A 34 -2.70 8.92 3.07
CA VAL A 34 -3.27 9.63 1.90
C VAL A 34 -3.31 8.70 0.68
N CYS A 35 -2.16 8.10 0.35
CA CYS A 35 -2.05 7.21 -0.81
C CYS A 35 -2.98 6.02 -0.67
N TYR A 36 -3.13 5.51 0.56
CA TYR A 36 -4.01 4.36 0.82
C TYR A 36 -5.44 4.67 0.37
N LYS A 37 -5.84 5.92 0.48
CA LYS A 37 -7.18 6.34 0.07
C LYS A 37 -7.25 6.45 -1.45
N GLU A 38 -6.24 7.10 -2.03
CA GLU A 38 -6.19 7.32 -3.48
C GLU A 38 -6.22 6.01 -4.28
N HIS A 39 -5.48 4.99 -3.81
CA HIS A 39 -5.45 3.71 -4.55
C HIS A 39 -6.68 2.83 -4.21
N LEU A 40 -7.12 2.88 -2.96
CA LEU A 40 -8.30 2.08 -2.55
C LEU A 40 -9.55 2.52 -3.33
N GLN A 41 -9.59 3.80 -3.74
CA GLN A 41 -10.71 4.35 -4.50
C GLN A 41 -10.86 3.61 -5.85
N ARG A 42 -9.73 3.28 -6.47
CA ARG A 42 -9.74 2.56 -7.74
C ARG A 42 -10.04 1.07 -7.50
N GLN A 43 -9.63 0.55 -6.34
CA GLN A 43 -9.87 -0.85 -6.00
C GLN A 43 -11.35 -1.09 -5.67
N GLN A 44 -11.98 -0.10 -5.01
CA GLN A 44 -13.39 -0.22 -4.64
C GLN A 44 -14.32 -0.09 -5.85
N ASN A 45 -13.84 0.55 -6.93
CA ASN A 45 -14.66 0.74 -8.14
C ASN A 45 -15.28 -0.58 -8.63
N SER A 46 -14.49 -1.65 -8.61
CA SER A 46 -14.98 -2.97 -9.07
C SER A 46 -15.61 -3.74 -7.91
N GLY A 47 -14.86 -3.86 -6.81
CA GLY A 47 -15.36 -4.58 -5.64
C GLY A 47 -14.93 -6.04 -5.67
N ARG A 48 -15.25 -6.73 -6.78
CA ARG A 48 -14.90 -8.14 -6.94
C ARG A 48 -14.21 -8.37 -8.29
N MET A 49 -12.88 -8.41 -8.27
CA MET A 49 -12.09 -8.63 -9.48
C MET A 49 -11.24 -9.89 -9.33
N SER A 50 -10.31 -9.87 -8.37
CA SER A 50 -9.44 -11.01 -8.12
C SER A 50 -9.93 -11.83 -6.92
N PRO A 51 -9.50 -13.09 -6.80
CA PRO A 51 -9.93 -13.97 -5.66
C PRO A 51 -9.67 -13.35 -4.30
N MET A 52 -10.71 -13.28 -3.46
CA MET A 52 -10.59 -12.70 -2.12
C MET A 52 -10.54 -13.80 -1.07
N GLY A 53 -11.38 -14.83 -1.23
CA GLY A 53 -11.43 -15.94 -0.29
C GLY A 53 -12.61 -15.78 0.67
N THR A 54 -12.70 -14.60 1.30
CA THR A 54 -13.80 -14.32 2.23
C THR A 54 -14.97 -13.69 1.51
N ALA A 55 -16.19 -14.07 1.91
CA ALA A 55 -17.41 -13.53 1.30
C ALA A 55 -18.40 -13.10 2.36
N SER A 56 -18.67 -13.99 3.32
CA SER A 56 -19.61 -13.69 4.39
C SER A 56 -18.90 -12.98 5.55
N GLY A 57 -17.66 -13.39 5.82
CA GLY A 57 -16.88 -12.79 6.89
C GLY A 57 -16.88 -13.66 8.13
N SER A 58 -16.80 -14.98 7.94
CA SER A 58 -16.80 -15.93 9.05
C SER A 58 -15.39 -16.10 9.61
N ASN A 59 -14.46 -16.52 8.76
CA ASN A 59 -13.07 -16.72 9.18
C ASN A 59 -12.25 -15.45 8.96
N SER A 60 -11.45 -15.10 9.96
CA SER A 60 -10.61 -13.90 9.87
C SER A 60 -9.38 -14.05 10.78
N PRO A 61 -8.29 -14.61 10.28
CA PRO A 61 -7.04 -14.80 11.08
C PRO A 61 -6.48 -13.47 11.60
N THR A 62 -5.80 -13.53 12.75
CA THR A 62 -5.22 -12.32 13.35
C THR A 62 -3.80 -12.11 12.85
N GLY A 1 33.68 -13.82 -3.17
CA GLY A 1 32.87 -14.39 -2.05
C GLY A 1 31.42 -13.95 -2.19
N SER A 2 30.56 -14.91 -2.56
CA SER A 2 29.14 -14.61 -2.73
C SER A 2 28.41 -14.67 -1.39
N MET A 3 27.81 -13.53 -1.01
CA MET A 3 27.09 -13.44 0.26
C MET A 3 25.95 -12.42 0.17
N ALA A 4 25.34 -12.31 -1.01
CA ALA A 4 24.24 -11.36 -1.22
C ALA A 4 22.89 -12.09 -1.23
N GLN A 5 22.79 -13.18 -0.46
CA GLN A 5 21.54 -13.96 -0.39
C GLN A 5 20.79 -13.63 0.89
N GLU A 6 21.51 -13.61 2.02
CA GLU A 6 20.89 -13.31 3.31
C GLU A 6 21.36 -11.95 3.83
N THR A 7 20.39 -11.10 4.19
CA THR A 7 20.69 -9.77 4.71
C THR A 7 20.27 -9.64 6.17
N ASN A 8 20.86 -8.68 6.88
CA ASN A 8 20.54 -8.46 8.30
C ASN A 8 19.57 -7.28 8.45
N GLN A 9 18.68 -7.10 7.47
CA GLN A 9 17.71 -6.01 7.50
C GLN A 9 16.43 -6.46 8.20
N THR A 10 16.17 -5.87 9.37
CA THR A 10 14.96 -6.20 10.12
C THR A 10 13.79 -5.32 9.68
N PRO A 11 12.57 -5.81 9.69
CA PRO A 11 11.37 -5.01 9.28
C PRO A 11 10.96 -4.01 10.36
N GLY A 12 10.52 -2.82 9.92
CA GLY A 12 10.10 -1.78 10.86
C GLY A 12 9.74 -0.48 10.13
N PRO A 13 10.69 0.15 9.45
CA PRO A 13 10.44 1.42 8.71
C PRO A 13 9.85 1.17 7.31
N MET A 14 8.60 0.73 7.27
CA MET A 14 7.93 0.44 6.00
C MET A 14 7.62 1.72 5.23
N LEU A 15 8.49 2.08 4.29
CA LEU A 15 8.30 3.28 3.48
C LEU A 15 7.18 3.03 2.46
N CYS A 16 6.34 4.05 2.23
CA CYS A 16 5.19 3.96 1.29
C CYS A 16 5.53 3.17 0.01
N SER A 17 4.58 2.31 -0.40
CA SER A 17 4.74 1.47 -1.59
C SER A 17 4.90 2.31 -2.87
N THR A 18 4.37 3.54 -2.85
CA THR A 18 4.45 4.41 -4.03
C THR A 18 5.70 5.31 -4.03
N GLY A 19 6.48 5.28 -2.94
CA GLY A 19 7.70 6.09 -2.87
C GLY A 19 7.37 7.58 -2.79
N CYS A 20 6.35 7.92 -1.99
CA CYS A 20 5.95 9.32 -1.84
C CYS A 20 6.76 10.03 -0.72
N GLY A 21 7.48 9.26 0.12
CA GLY A 21 8.29 9.84 1.20
C GLY A 21 7.64 9.74 2.59
N PHE A 22 6.38 9.29 2.65
CA PHE A 22 5.66 9.17 3.92
C PHE A 22 5.86 7.78 4.53
N TYR A 23 5.26 7.56 5.70
CA TYR A 23 5.37 6.28 6.39
C TYR A 23 4.23 5.35 5.96
N GLY A 24 4.57 4.08 5.69
CA GLY A 24 3.59 3.10 5.26
C GLY A 24 3.18 2.19 6.43
N ASN A 25 1.89 1.87 6.50
CA ASN A 25 1.37 1.01 7.58
C ASN A 25 1.19 -0.43 7.07
N PRO A 26 1.60 -1.44 7.84
CA PRO A 26 1.46 -2.85 7.41
C PRO A 26 0.01 -3.36 7.52
N ARG A 27 -0.80 -2.71 8.34
CA ARG A 27 -2.21 -3.09 8.50
C ARG A 27 -3.01 -2.62 7.27
N THR A 28 -2.59 -1.50 6.70
CA THR A 28 -3.24 -0.97 5.51
C THR A 28 -2.73 -1.77 4.29
N ASN A 29 -2.74 -1.18 3.10
CA ASN A 29 -2.24 -1.87 1.90
C ASN A 29 -0.74 -1.58 1.68
N GLY A 30 0.00 -1.29 2.77
CA GLY A 30 1.42 -0.97 2.66
C GLY A 30 1.61 0.49 2.20
N MET A 31 0.56 1.32 2.33
CA MET A 31 0.63 2.72 1.90
C MET A 31 0.35 3.67 3.05
N CYS A 32 0.78 4.92 2.88
CA CYS A 32 0.58 5.94 3.90
C CYS A 32 -0.90 6.38 3.93
N SER A 33 -1.19 7.55 4.52
CA SER A 33 -2.57 8.04 4.61
C SER A 33 -3.10 8.58 3.28
N VAL A 34 -2.27 9.35 2.57
CA VAL A 34 -2.69 9.96 1.30
C VAL A 34 -2.85 8.93 0.18
N CYS A 35 -1.88 8.03 0.07
CA CYS A 35 -1.87 7.00 -0.97
C CYS A 35 -2.89 5.89 -0.71
N TYR A 36 -3.08 5.53 0.56
CA TYR A 36 -4.01 4.45 0.91
C TYR A 36 -5.45 4.79 0.53
N LYS A 37 -5.85 6.05 0.68
CA LYS A 37 -7.21 6.46 0.32
C LYS A 37 -7.32 6.56 -1.20
N GLU A 38 -6.30 7.15 -1.82
CA GLU A 38 -6.26 7.32 -3.27
C GLU A 38 -6.25 5.96 -3.96
N HIS A 39 -5.36 5.06 -3.49
CA HIS A 39 -5.24 3.71 -4.07
C HIS A 39 -6.57 2.97 -4.00
N LEU A 40 -7.21 3.01 -2.83
CA LEU A 40 -8.49 2.33 -2.61
C LEU A 40 -9.59 2.83 -3.57
N GLN A 41 -9.48 4.09 -4.03
CA GLN A 41 -10.49 4.66 -4.94
C GLN A 41 -10.68 3.79 -6.19
N ARG A 42 -9.58 3.20 -6.67
CA ARG A 42 -9.61 2.34 -7.84
C ARG A 42 -10.02 0.91 -7.47
N GLN A 43 -9.71 0.49 -6.24
CA GLN A 43 -10.05 -0.85 -5.76
C GLN A 43 -11.56 -1.02 -5.65
N GLN A 44 -12.25 0.02 -5.16
CA GLN A 44 -13.71 -0.04 -4.98
C GLN A 44 -14.44 -0.12 -6.33
N ASN A 45 -13.95 0.61 -7.34
CA ASN A 45 -14.58 0.60 -8.66
C ASN A 45 -14.26 -0.70 -9.40
N SER A 46 -12.98 -1.09 -9.37
CA SER A 46 -12.55 -2.31 -10.05
C SER A 46 -13.07 -3.55 -9.32
N GLY A 47 -12.75 -3.67 -8.03
CA GLY A 47 -13.20 -4.80 -7.22
C GLY A 47 -12.07 -5.80 -7.03
N ARG A 48 -11.45 -6.22 -8.14
CA ARG A 48 -10.35 -7.18 -8.09
C ARG A 48 -9.26 -6.78 -9.09
N MET A 49 -8.25 -6.07 -8.59
CA MET A 49 -7.14 -5.61 -9.45
C MET A 49 -6.09 -6.71 -9.62
N SER A 50 -5.44 -7.09 -8.52
CA SER A 50 -4.41 -8.11 -8.56
C SER A 50 -5.01 -9.51 -8.35
N PRO A 51 -4.36 -10.56 -8.83
CA PRO A 51 -4.87 -11.96 -8.67
C PRO A 51 -4.68 -12.46 -7.23
N MET A 52 -5.11 -13.71 -6.99
CA MET A 52 -4.99 -14.31 -5.66
C MET A 52 -4.61 -15.79 -5.76
N GLY A 53 -4.32 -16.40 -4.61
CA GLY A 53 -3.95 -17.81 -4.58
C GLY A 53 -2.91 -18.08 -3.49
N THR A 54 -1.85 -17.28 -3.46
CA THR A 54 -0.79 -17.44 -2.47
C THR A 54 -0.22 -16.08 -2.07
N ALA A 55 -0.41 -15.70 -0.81
CA ALA A 55 0.09 -14.42 -0.31
C ALA A 55 1.16 -14.66 0.77
N SER A 56 2.40 -14.86 0.32
CA SER A 56 3.51 -15.10 1.24
C SER A 56 4.83 -14.63 0.62
N GLY A 57 5.08 -15.07 -0.62
CA GLY A 57 6.31 -14.71 -1.33
C GLY A 57 7.42 -15.72 -1.07
N SER A 58 7.15 -16.98 -1.45
CA SER A 58 8.14 -18.04 -1.27
C SER A 58 9.15 -18.05 -2.42
N ASN A 59 8.65 -18.27 -3.65
CA ASN A 59 9.52 -18.30 -4.82
C ASN A 59 9.85 -16.89 -5.28
N SER A 60 11.13 -16.51 -5.18
CA SER A 60 11.58 -15.19 -5.60
C SER A 60 11.75 -15.14 -7.13
N PRO A 61 11.52 -13.98 -7.75
CA PRO A 61 11.66 -13.84 -9.23
C PRO A 61 13.11 -13.68 -9.66
N THR A 62 13.40 -14.04 -10.91
CA THR A 62 14.75 -13.94 -11.44
C THR A 62 14.95 -12.60 -12.15
N GLY A 1 21.05 7.38 11.14
CA GLY A 1 21.51 6.28 12.03
C GLY A 1 22.08 6.86 13.32
N SER A 2 21.52 6.44 14.45
CA SER A 2 21.97 6.93 15.75
C SER A 2 23.12 6.07 16.26
N MET A 3 22.87 4.77 16.39
CA MET A 3 23.89 3.84 16.87
C MET A 3 24.55 3.12 15.68
N ALA A 4 25.75 2.59 15.90
CA ALA A 4 26.48 1.87 14.85
C ALA A 4 26.35 0.36 15.03
N GLN A 5 25.17 -0.09 15.48
CA GLN A 5 24.91 -1.51 15.69
C GLN A 5 23.93 -2.05 14.65
N GLU A 6 22.95 -1.23 14.30
CA GLU A 6 21.94 -1.63 13.31
C GLU A 6 22.52 -1.52 11.89
N THR A 7 22.24 -2.52 11.07
CA THR A 7 22.73 -2.54 9.69
C THR A 7 21.84 -1.69 8.77
N ASN A 8 22.25 -1.56 7.52
CA ASN A 8 21.48 -0.79 6.54
C ASN A 8 20.25 -1.57 6.08
N GLN A 9 20.48 -2.82 5.63
CA GLN A 9 19.39 -3.66 5.18
C GLN A 9 18.71 -4.35 6.35
N THR A 10 17.51 -3.89 6.69
CA THR A 10 16.75 -4.45 7.80
C THR A 10 15.25 -4.17 7.60
N PRO A 11 14.36 -5.14 7.85
CA PRO A 11 12.90 -4.94 7.68
C PRO A 11 12.33 -4.07 8.81
N GLY A 12 11.68 -2.96 8.43
CA GLY A 12 11.09 -2.05 9.41
C GLY A 12 10.67 -0.73 8.76
N PRO A 13 11.57 -0.03 8.08
CA PRO A 13 11.24 1.28 7.42
C PRO A 13 10.36 1.07 6.17
N MET A 14 9.13 0.61 6.41
CA MET A 14 8.18 0.36 5.30
C MET A 14 7.67 1.67 4.69
N LEU A 15 8.45 2.23 3.77
CA LEU A 15 8.08 3.49 3.11
C LEU A 15 6.98 3.23 2.08
N CYS A 16 6.11 4.25 1.89
CA CYS A 16 4.97 4.16 0.95
C CYS A 16 5.34 3.53 -0.40
N SER A 17 4.49 2.59 -0.83
CA SER A 17 4.68 1.88 -2.10
C SER A 17 4.65 2.83 -3.29
N THR A 18 3.90 3.93 -3.16
CA THR A 18 3.79 4.91 -4.24
C THR A 18 5.01 5.85 -4.33
N GLY A 19 5.90 5.80 -3.33
CA GLY A 19 7.09 6.64 -3.33
C GLY A 19 6.74 8.10 -3.05
N CYS A 20 5.71 8.32 -2.24
CA CYS A 20 5.28 9.67 -1.90
C CYS A 20 6.28 10.38 -0.96
N GLY A 21 7.13 9.60 -0.28
CA GLY A 21 8.14 10.19 0.63
C GLY A 21 7.74 10.10 2.11
N PHE A 22 6.62 9.46 2.43
CA PHE A 22 6.17 9.34 3.82
C PHE A 22 6.17 7.87 4.27
N TYR A 23 6.10 7.69 5.59
CA TYR A 23 6.09 6.34 6.16
C TYR A 23 4.79 5.59 5.83
N GLY A 24 4.91 4.27 5.67
CA GLY A 24 3.75 3.42 5.38
C GLY A 24 3.44 2.54 6.58
N ASN A 25 2.25 1.91 6.58
CA ASN A 25 1.85 1.03 7.67
C ASN A 25 1.72 -0.42 7.16
N PRO A 26 2.21 -1.40 7.89
CA PRO A 26 2.13 -2.84 7.45
C PRO A 26 0.73 -3.42 7.62
N ARG A 27 -0.07 -2.84 8.52
CA ARG A 27 -1.43 -3.30 8.74
C ARG A 27 -2.31 -2.83 7.58
N THR A 28 -2.04 -1.61 7.10
CA THR A 28 -2.77 -1.06 5.97
C THR A 28 -2.34 -1.83 4.71
N ASN A 29 -2.45 -1.24 3.52
CA ASN A 29 -2.04 -1.92 2.29
C ASN A 29 -0.56 -1.65 1.96
N GLY A 30 0.27 -1.42 3.01
CA GLY A 30 1.69 -1.15 2.83
C GLY A 30 1.96 0.29 2.40
N MET A 31 0.98 1.20 2.57
CA MET A 31 1.15 2.59 2.17
C MET A 31 0.73 3.54 3.29
N CYS A 32 0.92 4.84 3.06
CA CYS A 32 0.58 5.86 4.04
C CYS A 32 -0.94 6.09 4.08
N SER A 33 -1.35 7.17 4.74
CA SER A 33 -2.77 7.48 4.88
C SER A 33 -3.40 8.00 3.58
N VAL A 34 -2.76 8.96 2.95
CA VAL A 34 -3.30 9.58 1.72
C VAL A 34 -3.36 8.59 0.55
N CYS A 35 -2.21 8.02 0.18
CA CYS A 35 -2.14 7.08 -0.94
C CYS A 35 -3.09 5.88 -0.75
N TYR A 36 -3.24 5.44 0.50
CA TYR A 36 -4.11 4.31 0.83
C TYR A 36 -5.55 4.56 0.36
N LYS A 37 -6.03 5.79 0.55
CA LYS A 37 -7.39 6.14 0.14
C LYS A 37 -7.44 6.29 -1.37
N GLU A 38 -6.44 6.98 -1.93
CA GLU A 38 -6.38 7.22 -3.37
C GLU A 38 -6.38 5.92 -4.18
N HIS A 39 -5.68 4.88 -3.72
CA HIS A 39 -5.64 3.62 -4.47
C HIS A 39 -6.85 2.72 -4.15
N LEU A 40 -7.33 2.79 -2.90
CA LEU A 40 -8.50 2.00 -2.49
C LEU A 40 -9.75 2.39 -3.29
N GLN A 41 -9.83 3.66 -3.71
CA GLN A 41 -10.98 4.15 -4.48
C GLN A 41 -11.07 3.46 -5.84
N ARG A 42 -9.91 3.24 -6.46
CA ARG A 42 -9.85 2.59 -7.77
C ARG A 42 -10.07 1.09 -7.65
N GLN A 43 -9.65 0.52 -6.51
CA GLN A 43 -9.80 -0.93 -6.29
C GLN A 43 -11.24 -1.27 -5.94
N GLN A 44 -11.88 -0.41 -5.15
CA GLN A 44 -13.27 -0.64 -4.75
C GLN A 44 -14.23 -0.35 -5.91
N ASN A 45 -13.86 0.60 -6.76
CA ASN A 45 -14.69 0.98 -7.92
C ASN A 45 -15.00 -0.22 -8.81
N SER A 46 -14.10 -1.21 -8.83
CA SER A 46 -14.28 -2.41 -9.65
C SER A 46 -15.54 -3.17 -9.25
N GLY A 47 -15.54 -3.68 -8.01
CA GLY A 47 -16.70 -4.43 -7.50
C GLY A 47 -16.86 -5.75 -8.24
N ARG A 48 -15.85 -6.62 -8.11
CA ARG A 48 -15.88 -7.93 -8.76
C ARG A 48 -16.88 -8.85 -8.07
N MET A 49 -17.41 -9.82 -8.82
CA MET A 49 -18.38 -10.77 -8.27
C MET A 49 -17.78 -12.17 -8.18
N SER A 50 -17.28 -12.51 -6.99
CA SER A 50 -16.67 -13.82 -6.76
C SER A 50 -16.63 -14.13 -5.26
N PRO A 51 -16.51 -15.39 -4.85
CA PRO A 51 -16.44 -15.78 -3.40
C PRO A 51 -15.30 -15.08 -2.67
N MET A 52 -15.05 -15.48 -1.42
CA MET A 52 -13.98 -14.90 -0.62
C MET A 52 -12.87 -15.92 -0.39
N GLY A 53 -11.63 -15.43 -0.24
CA GLY A 53 -10.49 -16.31 -0.01
C GLY A 53 -10.03 -16.97 -1.32
N THR A 54 -10.11 -16.22 -2.42
CA THR A 54 -9.71 -16.74 -3.73
C THR A 54 -8.33 -16.21 -4.11
N ALA A 55 -7.45 -17.12 -4.54
CA ALA A 55 -6.10 -16.75 -4.94
C ALA A 55 -6.09 -16.18 -6.37
N SER A 56 -6.28 -14.87 -6.48
CA SER A 56 -6.30 -14.21 -7.78
C SER A 56 -5.88 -12.74 -7.64
N GLY A 57 -5.90 -12.01 -8.75
CA GLY A 57 -5.52 -10.60 -8.73
C GLY A 57 -4.03 -10.43 -9.03
N SER A 58 -3.68 -10.49 -10.32
CA SER A 58 -2.29 -10.33 -10.74
C SER A 58 -2.21 -9.60 -12.08
N ASN A 59 -3.13 -8.66 -12.31
CA ASN A 59 -3.15 -7.89 -13.55
C ASN A 59 -2.53 -6.51 -13.35
N SER A 60 -1.87 -5.99 -14.38
CA SER A 60 -1.24 -4.68 -14.31
C SER A 60 -1.25 -4.00 -15.69
N PRO A 61 -1.22 -2.67 -15.74
CA PRO A 61 -1.22 -1.93 -17.04
C PRO A 61 0.15 -1.95 -17.71
N THR A 62 0.16 -2.04 -19.04
CA THR A 62 1.40 -2.07 -19.80
C THR A 62 1.23 -1.36 -21.14
N GLY A 1 26.14 -16.79 20.68
CA GLY A 1 25.67 -15.78 19.70
C GLY A 1 26.84 -15.25 18.88
N SER A 2 26.61 -14.98 17.60
CA SER A 2 27.66 -14.46 16.72
C SER A 2 27.60 -12.94 16.66
N MET A 3 26.41 -12.40 16.39
CA MET A 3 26.23 -10.95 16.30
C MET A 3 24.85 -10.55 16.84
N ALA A 4 24.77 -10.31 18.15
CA ALA A 4 23.52 -9.92 18.79
C ALA A 4 23.42 -8.40 18.86
N GLN A 5 24.55 -7.74 19.14
CA GLN A 5 24.58 -6.28 19.25
C GLN A 5 24.77 -5.65 17.87
N GLU A 6 25.80 -6.09 17.15
CA GLU A 6 26.09 -5.55 15.82
C GLU A 6 25.20 -6.19 14.76
N THR A 7 24.08 -5.52 14.45
CA THR A 7 23.14 -6.03 13.45
C THR A 7 23.28 -5.22 12.16
N ASN A 8 23.25 -5.91 11.02
CA ASN A 8 23.37 -5.26 9.72
C ASN A 8 22.00 -4.86 9.19
N GLN A 9 21.17 -5.87 8.88
CA GLN A 9 19.83 -5.62 8.37
C GLN A 9 18.83 -5.55 9.52
N THR A 10 17.77 -4.76 9.33
CA THR A 10 16.74 -4.62 10.36
C THR A 10 15.49 -3.93 9.79
N PRO A 11 14.44 -4.67 9.46
CA PRO A 11 13.19 -4.07 8.89
C PRO A 11 12.38 -3.34 9.97
N GLY A 12 11.44 -2.51 9.53
CA GLY A 12 10.61 -1.75 10.45
C GLY A 12 10.04 -0.49 9.79
N PRO A 13 10.90 0.35 9.20
CA PRO A 13 10.43 1.60 8.53
C PRO A 13 9.77 1.34 7.17
N MET A 14 8.50 0.96 7.21
CA MET A 14 7.75 0.67 5.98
C MET A 14 7.44 1.96 5.22
N LEU A 15 8.31 2.31 4.26
CA LEU A 15 8.10 3.52 3.46
C LEU A 15 7.08 3.24 2.37
N CYS A 16 6.19 4.22 2.12
CA CYS A 16 5.12 4.09 1.10
C CYS A 16 5.61 3.44 -0.20
N SER A 17 4.98 2.32 -0.57
CA SER A 17 5.34 1.59 -1.79
C SER A 17 5.27 2.47 -3.04
N THR A 18 4.50 3.57 -2.98
CA THR A 18 4.39 4.48 -4.13
C THR A 18 5.58 5.46 -4.20
N GLY A 19 6.42 5.50 -3.15
CA GLY A 19 7.58 6.39 -3.14
C GLY A 19 7.20 7.85 -2.91
N CYS A 20 6.23 8.09 -2.02
CA CYS A 20 5.80 9.46 -1.72
C CYS A 20 6.67 10.13 -0.62
N GLY A 21 7.55 9.34 0.04
CA GLY A 21 8.44 9.87 1.08
C GLY A 21 7.81 9.86 2.48
N PHE A 22 6.55 9.44 2.60
CA PHE A 22 5.87 9.40 3.88
C PHE A 22 5.86 7.98 4.44
N TYR A 23 5.41 7.85 5.70
CA TYR A 23 5.37 6.54 6.36
C TYR A 23 4.14 5.74 5.93
N GLY A 24 4.34 4.44 5.73
CA GLY A 24 3.26 3.54 5.33
C GLY A 24 2.96 2.56 6.47
N ASN A 25 1.73 2.04 6.51
CA ASN A 25 1.35 1.10 7.56
C ASN A 25 1.37 -0.35 7.03
N PRO A 26 1.89 -1.30 7.79
CA PRO A 26 1.93 -2.73 7.36
C PRO A 26 0.55 -3.39 7.38
N ARG A 27 -0.33 -2.90 8.26
CA ARG A 27 -1.69 -3.44 8.35
C ARG A 27 -2.53 -2.97 7.15
N THR A 28 -2.17 -1.81 6.59
CA THR A 28 -2.88 -1.28 5.43
C THR A 28 -2.33 -1.97 4.17
N ASN A 29 -2.34 -1.31 3.01
CA ASN A 29 -1.80 -1.88 1.77
C ASN A 29 -0.32 -1.52 1.60
N GLY A 30 0.40 -1.31 2.71
CA GLY A 30 1.82 -0.94 2.64
C GLY A 30 2.00 0.52 2.24
N MET A 31 0.94 1.34 2.35
CA MET A 31 1.02 2.76 1.99
C MET A 31 0.64 3.66 3.15
N CYS A 32 0.88 4.97 2.97
CA CYS A 32 0.56 5.95 3.99
C CYS A 32 -0.94 6.24 3.99
N SER A 33 -1.37 7.30 4.68
CA SER A 33 -2.80 7.63 4.75
C SER A 33 -3.34 8.21 3.43
N VAL A 34 -2.58 9.13 2.84
CA VAL A 34 -3.01 9.79 1.58
C VAL A 34 -3.15 8.78 0.42
N CYS A 35 -2.12 7.98 0.22
CA CYS A 35 -2.10 6.99 -0.87
C CYS A 35 -3.05 5.84 -0.60
N TYR A 36 -3.19 5.45 0.66
CA TYR A 36 -4.07 4.32 1.01
C TYR A 36 -5.54 4.61 0.70
N LYS A 37 -5.98 5.88 0.83
CA LYS A 37 -7.38 6.21 0.54
C LYS A 37 -7.62 6.28 -0.97
N GLU A 38 -6.70 6.91 -1.69
CA GLU A 38 -6.83 7.04 -3.15
C GLU A 38 -6.80 5.66 -3.81
N HIS A 39 -5.85 4.83 -3.36
CA HIS A 39 -5.69 3.48 -3.89
C HIS A 39 -6.94 2.63 -3.67
N LEU A 40 -7.51 2.71 -2.46
CA LEU A 40 -8.71 1.93 -2.11
C LEU A 40 -9.93 2.36 -2.95
N GLN A 41 -9.96 3.64 -3.36
CA GLN A 41 -11.09 4.14 -4.16
C GLN A 41 -11.00 3.58 -5.59
N ARG A 42 -9.77 3.34 -6.07
CA ARG A 42 -9.56 2.80 -7.41
C ARG A 42 -9.89 1.31 -7.47
N GLN A 43 -9.68 0.60 -6.36
CA GLN A 43 -9.97 -0.83 -6.29
C GLN A 43 -11.48 -1.09 -6.25
N GLN A 44 -12.25 -0.11 -5.75
CA GLN A 44 -13.70 -0.23 -5.66
C GLN A 44 -14.37 0.03 -7.02
N ASN A 45 -13.70 0.75 -7.91
CA ASN A 45 -14.25 1.08 -9.22
C ASN A 45 -14.49 -0.17 -10.08
N SER A 46 -13.61 -1.17 -9.96
CA SER A 46 -13.76 -2.40 -10.74
C SER A 46 -14.89 -3.24 -10.16
N GLY A 47 -14.72 -3.68 -8.91
CA GLY A 47 -15.75 -4.47 -8.22
C GLY A 47 -16.06 -5.78 -8.94
N ARG A 48 -15.04 -6.61 -9.17
CA ARG A 48 -15.24 -7.89 -9.85
C ARG A 48 -15.72 -8.93 -8.84
N MET A 49 -16.12 -10.10 -9.34
CA MET A 49 -16.61 -11.18 -8.48
C MET A 49 -15.60 -12.33 -8.40
N SER A 50 -14.32 -11.98 -8.33
CA SER A 50 -13.26 -12.99 -8.24
C SER A 50 -12.83 -13.18 -6.78
N PRO A 51 -12.28 -14.34 -6.42
CA PRO A 51 -11.83 -14.60 -5.03
C PRO A 51 -10.44 -14.03 -4.76
N MET A 52 -9.97 -14.16 -3.52
CA MET A 52 -8.66 -13.65 -3.15
C MET A 52 -7.59 -14.71 -3.39
N GLY A 53 -6.33 -14.35 -3.13
CA GLY A 53 -5.22 -15.27 -3.32
C GLY A 53 -4.74 -15.25 -4.77
N THR A 54 -4.77 -14.06 -5.39
CA THR A 54 -4.34 -13.91 -6.78
C THR A 54 -3.14 -12.97 -6.87
N ALA A 55 -1.97 -13.51 -7.17
CA ALA A 55 -0.75 -12.71 -7.27
C ALA A 55 -0.48 -12.33 -8.72
N SER A 56 -0.66 -13.29 -9.63
CA SER A 56 -0.43 -13.04 -11.05
C SER A 56 -1.62 -12.29 -11.65
N GLY A 57 -1.37 -11.59 -12.75
CA GLY A 57 -2.42 -10.81 -13.43
C GLY A 57 -2.54 -9.44 -12.80
N SER A 58 -1.46 -8.67 -12.82
CA SER A 58 -1.45 -7.32 -12.26
C SER A 58 -0.40 -6.46 -12.95
N ASN A 59 0.87 -6.86 -12.85
CA ASN A 59 1.95 -6.11 -13.48
C ASN A 59 2.15 -6.55 -14.93
N SER A 60 2.24 -5.58 -15.84
CA SER A 60 2.42 -5.87 -17.26
C SER A 60 2.95 -4.63 -18.00
N PRO A 61 4.27 -4.43 -18.02
CA PRO A 61 4.89 -3.25 -18.72
C PRO A 61 4.54 -3.23 -20.21
N THR A 62 4.71 -2.05 -20.83
CA THR A 62 4.42 -1.90 -22.25
C THR A 62 5.04 -0.61 -22.80
N GLY A 1 -4.90 -9.19 37.39
CA GLY A 1 -4.73 -7.76 37.01
C GLY A 1 -3.86 -7.65 35.76
N SER A 2 -4.41 -8.07 34.62
CA SER A 2 -3.68 -8.03 33.35
C SER A 2 -4.33 -7.03 32.39
N MET A 3 -3.56 -6.05 31.94
CA MET A 3 -4.07 -5.03 31.01
C MET A 3 -3.87 -5.48 29.56
N ALA A 4 -4.30 -4.64 28.62
CA ALA A 4 -4.17 -4.96 27.20
C ALA A 4 -3.72 -3.73 26.40
N GLN A 5 -2.89 -2.89 27.02
CA GLN A 5 -2.38 -1.67 26.36
C GLN A 5 -0.86 -1.72 26.26
N GLU A 6 -0.32 -2.92 26.03
CA GLU A 6 1.13 -3.10 25.91
C GLU A 6 1.63 -2.58 24.56
N THR A 7 2.87 -2.08 24.54
CA THR A 7 3.47 -1.56 23.32
C THR A 7 3.94 -2.70 22.41
N ASN A 8 3.93 -2.46 21.10
CA ASN A 8 4.35 -3.47 20.12
C ASN A 8 5.36 -2.87 19.14
N GLN A 9 6.22 -1.95 19.63
CA GLN A 9 7.22 -1.32 18.79
C GLN A 9 8.33 -2.30 18.44
N THR A 10 8.54 -2.51 17.14
CA THR A 10 9.58 -3.42 16.66
C THR A 10 10.10 -2.95 15.30
N PRO A 11 11.27 -3.41 14.86
CA PRO A 11 11.84 -3.00 13.54
C PRO A 11 10.89 -3.29 12.38
N GLY A 12 10.24 -2.24 11.87
CA GLY A 12 9.30 -2.40 10.76
C GLY A 12 9.05 -1.07 10.02
N PRO A 13 10.08 -0.30 9.69
CA PRO A 13 9.92 1.02 8.98
C PRO A 13 9.40 0.86 7.55
N MET A 14 8.12 0.49 7.43
CA MET A 14 7.49 0.28 6.12
C MET A 14 7.25 1.60 5.40
N LEU A 15 8.16 1.97 4.50
CA LEU A 15 8.02 3.21 3.73
C LEU A 15 6.97 3.01 2.63
N CYS A 16 6.20 4.07 2.34
CA CYS A 16 5.14 3.99 1.31
C CYS A 16 5.65 3.39 -0.01
N SER A 17 4.98 2.32 -0.46
CA SER A 17 5.35 1.62 -1.68
C SER A 17 5.16 2.50 -2.92
N THR A 18 4.17 3.41 -2.87
CA THR A 18 3.89 4.29 -4.01
C THR A 18 5.05 5.23 -4.32
N GLY A 19 5.90 5.50 -3.33
CA GLY A 19 7.05 6.39 -3.54
C GLY A 19 6.72 7.85 -3.23
N CYS A 20 5.90 8.08 -2.19
CA CYS A 20 5.55 9.44 -1.80
C CYS A 20 6.64 10.03 -0.86
N GLY A 21 7.50 9.16 -0.29
CA GLY A 21 8.58 9.61 0.61
C GLY A 21 8.14 9.74 2.07
N PHE A 22 6.96 9.20 2.41
CA PHE A 22 6.45 9.29 3.78
C PHE A 22 6.37 7.91 4.44
N TYR A 23 5.97 7.92 5.72
CA TYR A 23 5.85 6.70 6.50
C TYR A 23 4.53 6.00 6.22
N GLY A 24 4.56 4.66 6.15
CA GLY A 24 3.36 3.86 5.88
C GLY A 24 3.13 2.82 6.98
N ASN A 25 2.10 1.98 6.80
CA ASN A 25 1.78 0.95 7.79
C ASN A 25 1.59 -0.43 7.11
N PRO A 26 2.10 -1.51 7.71
CA PRO A 26 1.93 -2.87 7.14
C PRO A 26 0.54 -3.46 7.36
N ARG A 27 -0.25 -2.86 8.27
CA ARG A 27 -1.61 -3.32 8.52
C ARG A 27 -2.54 -2.84 7.40
N THR A 28 -2.26 -1.62 6.91
CA THR A 28 -3.03 -1.07 5.80
C THR A 28 -2.62 -1.83 4.52
N ASN A 29 -2.77 -1.23 3.34
CA ASN A 29 -2.38 -1.90 2.10
C ASN A 29 -0.92 -1.61 1.73
N GLY A 30 -0.08 -1.29 2.72
CA GLY A 30 1.33 -0.99 2.47
C GLY A 30 1.52 0.49 2.08
N MET A 31 0.46 1.30 2.19
CA MET A 31 0.51 2.71 1.83
C MET A 31 0.27 3.59 3.05
N CYS A 32 0.63 4.87 2.93
CA CYS A 32 0.45 5.83 4.01
C CYS A 32 -1.03 6.23 4.08
N SER A 33 -1.35 7.39 4.68
CA SER A 33 -2.74 7.82 4.80
C SER A 33 -3.32 8.32 3.48
N VAL A 34 -2.58 9.19 2.79
CA VAL A 34 -3.06 9.76 1.51
C VAL A 34 -3.10 8.71 0.40
N CYS A 35 -1.97 8.06 0.13
CA CYS A 35 -1.89 7.06 -0.94
C CYS A 35 -2.90 5.93 -0.76
N TYR A 36 -3.18 5.55 0.49
CA TYR A 36 -4.13 4.46 0.78
C TYR A 36 -5.53 4.77 0.22
N LYS A 37 -5.97 6.01 0.34
CA LYS A 37 -7.29 6.40 -0.14
C LYS A 37 -7.30 6.49 -1.66
N GLU A 38 -6.26 7.13 -2.21
CA GLU A 38 -6.14 7.32 -3.66
C GLU A 38 -6.19 6.00 -4.45
N HIS A 39 -5.57 4.93 -3.91
CA HIS A 39 -5.57 3.64 -4.63
C HIS A 39 -6.81 2.80 -4.31
N LEU A 40 -7.31 2.92 -3.08
CA LEU A 40 -8.50 2.17 -2.67
C LEU A 40 -9.74 2.63 -3.44
N GLN A 41 -9.76 3.92 -3.83
CA GLN A 41 -10.88 4.50 -4.58
C GLN A 41 -11.10 3.76 -5.91
N ARG A 42 -10.01 3.41 -6.58
CA ARG A 42 -10.07 2.68 -7.84
C ARG A 42 -10.19 1.16 -7.60
N GLN A 43 -9.63 0.69 -6.48
CA GLN A 43 -9.69 -0.72 -6.13
C GLN A 43 -11.12 -1.12 -5.75
N GLN A 44 -11.76 -0.26 -4.95
CA GLN A 44 -13.13 -0.50 -4.49
C GLN A 44 -14.14 -0.41 -5.65
N ASN A 45 -13.81 0.36 -6.69
CA ASN A 45 -14.71 0.52 -7.84
C ASN A 45 -14.93 -0.82 -8.56
N SER A 46 -13.84 -1.54 -8.83
CA SER A 46 -13.92 -2.83 -9.50
C SER A 46 -13.80 -3.96 -8.49
N GLY A 47 -12.63 -4.06 -7.85
CA GLY A 47 -12.39 -5.09 -6.84
C GLY A 47 -12.08 -6.43 -7.49
N ARG A 48 -11.39 -6.40 -8.63
CA ARG A 48 -11.02 -7.63 -9.34
C ARG A 48 -9.54 -7.93 -9.13
N MET A 49 -9.15 -9.19 -9.36
CA MET A 49 -7.76 -9.60 -9.19
C MET A 49 -7.06 -9.70 -10.54
N SER A 50 -7.80 -10.15 -11.56
CA SER A 50 -7.24 -10.29 -12.90
C SER A 50 -8.19 -9.68 -13.95
N PRO A 51 -7.70 -9.30 -15.12
CA PRO A 51 -8.53 -8.70 -16.20
C PRO A 51 -9.44 -9.74 -16.88
N MET A 52 -10.75 -9.58 -16.70
CA MET A 52 -11.72 -10.50 -17.30
C MET A 52 -12.04 -10.09 -18.73
N GLY A 53 -12.19 -8.78 -18.94
CA GLY A 53 -12.50 -8.23 -20.26
C GLY A 53 -14.01 -8.02 -20.44
N THR A 54 -14.68 -7.62 -19.36
CA THR A 54 -16.12 -7.37 -19.40
C THR A 54 -16.41 -5.87 -19.35
N ALA A 55 -17.48 -5.46 -20.00
CA ALA A 55 -17.85 -4.04 -20.03
C ALA A 55 -18.40 -3.61 -18.67
N SER A 56 -18.83 -2.35 -18.58
CA SER A 56 -19.37 -1.81 -17.33
C SER A 56 -20.73 -2.45 -17.03
N GLY A 57 -21.55 -2.59 -18.08
CA GLY A 57 -22.88 -3.18 -17.93
C GLY A 57 -23.98 -2.13 -18.02
N SER A 58 -24.31 -1.73 -19.25
CA SER A 58 -25.35 -0.72 -19.48
C SER A 58 -26.44 -1.26 -20.41
N ASN A 59 -26.72 -2.56 -20.32
CA ASN A 59 -27.73 -3.20 -21.15
C ASN A 59 -29.09 -3.21 -20.44
N SER A 60 -30.14 -2.78 -21.16
CA SER A 60 -31.48 -2.74 -20.60
C SER A 60 -32.23 -4.05 -20.88
N PRO A 61 -33.25 -4.37 -20.11
CA PRO A 61 -34.04 -5.63 -20.30
C PRO A 61 -35.06 -5.50 -21.44
N THR A 62 -35.16 -6.53 -22.27
CA THR A 62 -36.10 -6.52 -23.39
C THR A 62 -36.35 -7.95 -23.88
N GLY A 1 6.68 1.06 30.40
CA GLY A 1 7.79 0.24 29.85
C GLY A 1 8.27 0.85 28.52
N SER A 2 9.14 1.86 28.62
CA SER A 2 9.67 2.53 27.44
C SER A 2 11.17 2.79 27.59
N MET A 3 11.93 2.49 26.54
CA MET A 3 13.38 2.70 26.55
C MET A 3 13.87 3.18 25.18
N ALA A 4 14.55 4.33 25.17
CA ALA A 4 15.08 4.89 23.92
C ALA A 4 16.58 5.18 24.06
N GLN A 5 17.28 4.35 24.84
CA GLN A 5 18.72 4.52 25.04
C GLN A 5 19.49 3.94 23.86
N GLU A 6 19.32 2.64 23.62
CA GLU A 6 20.00 1.97 22.52
C GLU A 6 19.04 1.72 21.37
N THR A 7 19.23 2.43 20.26
CA THR A 7 18.38 2.27 19.09
C THR A 7 18.88 1.13 18.21
N ASN A 8 18.03 0.11 18.03
CA ASN A 8 18.39 -1.05 17.20
C ASN A 8 17.98 -0.83 15.75
N GLN A 9 16.69 -0.52 15.54
CA GLN A 9 16.18 -0.29 14.19
C GLN A 9 16.32 1.18 13.82
N THR A 10 16.44 1.45 12.51
CA THR A 10 16.58 2.82 12.01
C THR A 10 15.21 3.42 11.66
N PRO A 11 15.09 4.75 11.62
CA PRO A 11 13.80 5.41 11.28
C PRO A 11 13.48 5.37 9.79
N GLY A 12 12.20 5.56 9.45
CA GLY A 12 11.76 5.55 8.06
C GLY A 12 11.89 4.15 7.41
N PRO A 13 11.50 3.07 8.08
CA PRO A 13 11.62 1.69 7.49
C PRO A 13 10.59 1.41 6.36
N MET A 14 9.36 1.01 6.71
CA MET A 14 8.34 0.68 5.70
C MET A 14 7.82 1.94 4.98
N LEU A 15 8.60 2.43 4.03
CA LEU A 15 8.23 3.61 3.25
C LEU A 15 7.09 3.25 2.28
N CYS A 16 6.23 4.25 2.00
CA CYS A 16 5.07 4.06 1.11
C CYS A 16 5.39 3.22 -0.15
N SER A 17 4.44 2.36 -0.53
CA SER A 17 4.61 1.49 -1.68
C SER A 17 4.73 2.28 -2.99
N THR A 18 4.11 3.47 -3.03
CA THR A 18 4.15 4.30 -4.25
C THR A 18 5.38 5.24 -4.27
N GLY A 19 6.16 5.27 -3.18
CA GLY A 19 7.36 6.10 -3.11
C GLY A 19 7.06 7.59 -3.01
N CYS A 20 6.02 7.95 -2.25
CA CYS A 20 5.66 9.37 -2.10
C CYS A 20 6.58 10.09 -1.08
N GLY A 21 7.30 9.32 -0.24
CA GLY A 21 8.22 9.90 0.75
C GLY A 21 7.67 9.86 2.18
N PHE A 22 6.47 9.29 2.37
CA PHE A 22 5.86 9.21 3.70
C PHE A 22 5.87 7.76 4.21
N TYR A 23 5.80 7.61 5.54
CA TYR A 23 5.80 6.28 6.16
C TYR A 23 4.54 5.49 5.78
N GLY A 24 4.70 4.17 5.64
CA GLY A 24 3.57 3.29 5.30
C GLY A 24 3.19 2.44 6.51
N ASN A 25 2.00 1.85 6.47
CA ASN A 25 1.51 1.02 7.58
C ASN A 25 1.40 -0.45 7.13
N PRO A 26 1.84 -1.43 7.93
CA PRO A 26 1.75 -2.86 7.55
C PRO A 26 0.33 -3.42 7.71
N ARG A 27 -0.48 -2.77 8.56
CA ARG A 27 -1.87 -3.18 8.75
C ARG A 27 -2.71 -2.77 7.53
N THR A 28 -2.35 -1.63 6.94
CA THR A 28 -3.03 -1.14 5.75
C THR A 28 -2.44 -1.88 4.54
N ASN A 29 -2.51 -1.29 3.33
CA ASN A 29 -1.96 -1.95 2.14
C ASN A 29 -0.48 -1.58 1.92
N GLY A 30 0.24 -1.20 2.99
CA GLY A 30 1.65 -0.81 2.86
C GLY A 30 1.79 0.62 2.32
N MET A 31 0.70 1.42 2.41
CA MET A 31 0.72 2.80 1.93
C MET A 31 0.41 3.77 3.07
N CYS A 32 0.88 5.01 2.92
CA CYS A 32 0.66 6.05 3.92
C CYS A 32 -0.84 6.40 4.00
N SER A 33 -1.17 7.54 4.59
CA SER A 33 -2.57 7.95 4.74
C SER A 33 -3.18 8.43 3.42
N VAL A 34 -2.46 9.30 2.72
CA VAL A 34 -2.96 9.87 1.45
C VAL A 34 -3.15 8.80 0.37
N CYS A 35 -2.08 8.06 0.08
CA CYS A 35 -2.11 7.01 -0.94
C CYS A 35 -3.13 5.92 -0.65
N TYR A 36 -3.34 5.62 0.64
CA TYR A 36 -4.27 4.56 1.03
C TYR A 36 -5.72 4.90 0.66
N LYS A 37 -6.10 6.18 0.74
CA LYS A 37 -7.47 6.58 0.43
C LYS A 37 -7.69 6.62 -1.09
N GLU A 38 -6.76 7.27 -1.80
CA GLU A 38 -6.87 7.40 -3.25
C GLU A 38 -6.75 6.04 -3.95
N HIS A 39 -5.80 5.22 -3.49
CA HIS A 39 -5.55 3.90 -4.07
C HIS A 39 -6.80 2.99 -4.00
N LEU A 40 -7.40 2.91 -2.81
CA LEU A 40 -8.58 2.05 -2.62
C LEU A 40 -9.76 2.52 -3.47
N GLN A 41 -9.84 3.83 -3.74
CA GLN A 41 -10.94 4.38 -4.55
C GLN A 41 -11.00 3.72 -5.94
N ARG A 42 -9.83 3.49 -6.54
CA ARG A 42 -9.76 2.86 -7.85
C ARG A 42 -9.86 1.33 -7.73
N GLN A 43 -9.37 0.78 -6.62
CA GLN A 43 -9.38 -0.65 -6.39
C GLN A 43 -10.80 -1.16 -6.12
N GLN A 44 -11.49 -0.52 -5.16
CA GLN A 44 -12.87 -0.93 -4.79
C GLN A 44 -13.82 -0.86 -6.00
N ASN A 45 -13.57 0.12 -6.88
CA ASN A 45 -14.41 0.29 -8.07
C ASN A 45 -14.26 -0.91 -9.02
N SER A 46 -13.02 -1.19 -9.43
CA SER A 46 -12.75 -2.31 -10.33
C SER A 46 -11.73 -3.26 -9.72
N GLY A 47 -10.50 -2.76 -9.54
CA GLY A 47 -9.43 -3.56 -8.95
C GLY A 47 -8.91 -4.60 -9.95
N ARG A 48 -8.92 -4.25 -11.23
CA ARG A 48 -8.46 -5.16 -12.28
C ARG A 48 -7.51 -4.45 -13.24
N MET A 49 -8.05 -3.46 -13.97
CA MET A 49 -7.24 -2.70 -14.93
C MET A 49 -7.24 -1.22 -14.59
N SER A 50 -8.43 -0.62 -14.58
CA SER A 50 -8.55 0.81 -14.27
C SER A 50 -9.97 1.14 -13.76
N PRO A 51 -10.14 2.25 -13.05
CA PRO A 51 -11.48 2.65 -12.52
C PRO A 51 -12.40 3.24 -13.60
N MET A 52 -11.87 4.18 -14.38
CA MET A 52 -12.64 4.80 -15.45
C MET A 52 -12.43 4.08 -16.79
N GLY A 53 -11.16 3.76 -17.08
CA GLY A 53 -10.83 3.06 -18.32
C GLY A 53 -10.31 4.04 -19.38
N THR A 54 -11.15 5.02 -19.74
CA THR A 54 -10.77 6.01 -20.74
C THR A 54 -10.16 7.25 -20.06
N ALA A 55 -9.66 8.17 -20.88
CA ALA A 55 -9.05 9.40 -20.36
C ALA A 55 -10.12 10.38 -19.90
N SER A 56 -10.00 10.86 -18.67
CA SER A 56 -10.96 11.80 -18.10
C SER A 56 -10.29 12.71 -17.08
N GLY A 57 -11.07 13.64 -16.51
CA GLY A 57 -10.54 14.56 -15.51
C GLY A 57 -10.21 15.91 -16.14
N SER A 58 -11.18 16.48 -16.87
CA SER A 58 -10.97 17.77 -17.52
C SER A 58 -12.29 18.54 -17.61
N ASN A 59 -13.15 18.39 -16.58
CA ASN A 59 -14.44 19.07 -16.55
C ASN A 59 -14.41 20.21 -15.53
N SER A 60 -14.87 21.39 -15.96
CA SER A 60 -14.90 22.56 -15.08
C SER A 60 -16.20 22.58 -14.27
N PRO A 61 -16.18 23.12 -13.05
CA PRO A 61 -17.41 23.19 -12.18
C PRO A 61 -18.59 23.87 -12.88
N THR A 62 -19.77 23.24 -12.80
CA THR A 62 -20.99 23.78 -13.43
C THR A 62 -20.82 23.94 -14.93
N GLY A 1 24.78 7.61 28.28
CA GLY A 1 24.42 8.36 27.06
C GLY A 1 23.08 7.86 26.52
N SER A 2 22.09 8.75 26.47
CA SER A 2 20.76 8.39 25.98
C SER A 2 20.71 8.50 24.46
N MET A 3 20.48 7.36 23.79
CA MET A 3 20.40 7.34 22.33
C MET A 3 19.32 6.36 21.85
N ALA A 4 18.24 6.24 22.63
CA ALA A 4 17.15 5.34 22.27
C ALA A 4 16.26 5.97 21.20
N GLN A 5 15.84 7.21 21.44
CA GLN A 5 14.99 7.93 20.48
C GLN A 5 15.80 8.36 19.27
N GLU A 6 16.99 8.91 19.51
CA GLU A 6 17.86 9.36 18.43
C GLU A 6 18.71 8.21 17.91
N THR A 7 18.43 7.78 16.67
CA THR A 7 19.18 6.68 16.06
C THR A 7 19.44 6.96 14.59
N ASN A 8 20.49 6.34 14.04
CA ASN A 8 20.84 6.52 12.64
C ASN A 8 20.18 5.46 11.77
N GLN A 9 20.14 4.23 12.26
CA GLN A 9 19.55 3.12 11.52
C GLN A 9 18.03 3.15 11.62
N THR A 10 17.37 2.23 10.92
CA THR A 10 15.91 2.15 10.92
C THR A 10 15.45 0.72 10.60
N PRO A 11 14.96 -0.04 11.58
CA PRO A 11 14.49 -1.44 11.35
C PRO A 11 13.03 -1.51 10.92
N GLY A 12 12.76 -2.26 9.84
CA GLY A 12 11.40 -2.42 9.33
C GLY A 12 10.80 -1.10 8.80
N PRO A 13 11.54 -0.29 8.04
CA PRO A 13 11.01 1.00 7.50
C PRO A 13 9.98 0.79 6.39
N MET A 14 8.72 0.63 6.77
CA MET A 14 7.64 0.42 5.80
C MET A 14 7.35 1.72 5.03
N LEU A 15 8.20 2.04 4.06
CA LEU A 15 8.01 3.26 3.26
C LEU A 15 6.94 3.04 2.21
N CYS A 16 6.16 4.09 1.91
CA CYS A 16 5.08 4.00 0.93
C CYS A 16 5.54 3.41 -0.41
N SER A 17 4.86 2.35 -0.83
CA SER A 17 5.19 1.66 -2.09
C SER A 17 4.95 2.56 -3.31
N THR A 18 4.10 3.58 -3.17
CA THR A 18 3.81 4.49 -4.29
C THR A 18 4.95 5.49 -4.53
N GLY A 19 5.81 5.70 -3.52
CA GLY A 19 6.93 6.63 -3.68
C GLY A 19 6.54 8.07 -3.36
N CYS A 20 5.77 8.27 -2.28
CA CYS A 20 5.35 9.62 -1.89
C CYS A 20 6.38 10.29 -0.95
N GLY A 21 7.20 9.47 -0.27
CA GLY A 21 8.23 10.02 0.63
C GLY A 21 7.83 10.01 2.11
N PHE A 22 6.68 9.42 2.45
CA PHE A 22 6.19 9.38 3.84
C PHE A 22 6.31 7.97 4.42
N TYR A 23 5.72 7.77 5.61
CA TYR A 23 5.75 6.48 6.28
C TYR A 23 4.48 5.66 6.00
N GLY A 24 4.65 4.35 5.83
CA GLY A 24 3.52 3.46 5.56
C GLY A 24 3.26 2.53 6.74
N ASN A 25 2.16 1.77 6.68
CA ASN A 25 1.79 0.84 7.75
C ASN A 25 1.60 -0.58 7.20
N PRO A 26 2.08 -1.61 7.89
CA PRO A 26 1.91 -3.03 7.43
C PRO A 26 0.49 -3.56 7.67
N ARG A 27 -0.26 -2.91 8.56
CA ARG A 27 -1.63 -3.30 8.83
C ARG A 27 -2.53 -2.83 7.68
N THR A 28 -2.19 -1.67 7.11
CA THR A 28 -2.92 -1.12 5.97
C THR A 28 -2.49 -1.87 4.70
N ASN A 29 -2.60 -1.25 3.52
CA ASN A 29 -2.20 -1.91 2.27
C ASN A 29 -0.73 -1.62 1.92
N GLY A 30 0.11 -1.38 2.94
CA GLY A 30 1.52 -1.09 2.70
C GLY A 30 1.73 0.36 2.27
N MET A 31 0.69 1.21 2.37
CA MET A 31 0.78 2.60 1.96
C MET A 31 0.52 3.54 3.15
N CYS A 32 0.78 4.83 2.93
CA CYS A 32 0.59 5.84 3.95
C CYS A 32 -0.90 6.21 4.06
N SER A 33 -1.20 7.36 4.68
CA SER A 33 -2.59 7.78 4.86
C SER A 33 -3.23 8.30 3.56
N VAL A 34 -2.51 9.16 2.83
CA VAL A 34 -3.06 9.74 1.59
C VAL A 34 -3.20 8.69 0.48
N CYS A 35 -2.09 8.03 0.14
CA CYS A 35 -2.06 7.03 -0.93
C CYS A 35 -3.07 5.90 -0.68
N TYR A 36 -3.27 5.52 0.58
CA TYR A 36 -4.20 4.44 0.94
C TYR A 36 -5.62 4.75 0.42
N LYS A 37 -6.02 6.02 0.50
CA LYS A 37 -7.34 6.42 0.03
C LYS A 37 -7.35 6.53 -1.50
N GLU A 38 -6.30 7.16 -2.04
CA GLU A 38 -6.18 7.36 -3.49
C GLU A 38 -6.23 6.05 -4.28
N HIS A 39 -5.57 4.99 -3.78
CA HIS A 39 -5.56 3.72 -4.50
C HIS A 39 -6.82 2.90 -4.22
N LEU A 40 -7.34 3.02 -2.99
CA LEU A 40 -8.55 2.28 -2.60
C LEU A 40 -9.77 2.74 -3.42
N GLN A 41 -9.77 3.99 -3.85
CA GLN A 41 -10.89 4.54 -4.64
C GLN A 41 -11.07 3.78 -5.95
N ARG A 42 -9.94 3.47 -6.60
CA ARG A 42 -9.96 2.76 -7.88
C ARG A 42 -10.07 1.25 -7.67
N GLN A 43 -9.50 0.74 -6.57
CA GLN A 43 -9.55 -0.70 -6.28
C GLN A 43 -10.94 -1.13 -5.84
N GLN A 44 -11.53 -0.39 -4.90
CA GLN A 44 -12.87 -0.71 -4.39
C GLN A 44 -13.94 -0.60 -5.48
N ASN A 45 -13.66 0.16 -6.55
CA ASN A 45 -14.63 0.34 -7.65
C ASN A 45 -15.04 -0.99 -8.27
N SER A 46 -14.12 -1.96 -8.27
CA SER A 46 -14.39 -3.28 -8.86
C SER A 46 -15.57 -3.97 -8.17
N GLY A 47 -15.40 -4.34 -6.90
CA GLY A 47 -16.46 -5.00 -6.14
C GLY A 47 -16.75 -6.39 -6.71
N ARG A 48 -15.74 -7.28 -6.66
CA ARG A 48 -15.90 -8.64 -7.17
C ARG A 48 -16.30 -9.60 -6.05
N MET A 49 -17.49 -9.39 -5.48
CA MET A 49 -17.99 -10.24 -4.41
C MET A 49 -18.73 -11.44 -4.99
N SER A 50 -19.81 -11.17 -5.74
CA SER A 50 -20.59 -12.24 -6.36
C SER A 50 -20.06 -12.50 -7.77
N PRO A 51 -20.24 -13.71 -8.31
CA PRO A 51 -19.75 -14.04 -9.69
C PRO A 51 -20.33 -13.11 -10.75
N MET A 52 -21.63 -12.81 -10.63
CA MET A 52 -22.31 -11.93 -11.58
C MET A 52 -21.87 -10.48 -11.36
N GLY A 53 -22.17 -9.94 -10.17
CA GLY A 53 -21.80 -8.57 -9.83
C GLY A 53 -22.96 -7.85 -9.16
N THR A 54 -24.17 -8.05 -9.69
CA THR A 54 -25.36 -7.41 -9.14
C THR A 54 -26.45 -8.45 -8.88
N ALA A 55 -26.96 -8.47 -7.64
CA ALA A 55 -28.01 -9.40 -7.27
C ALA A 55 -29.39 -8.80 -7.50
N SER A 56 -30.44 -9.61 -7.32
CA SER A 56 -31.81 -9.14 -7.51
C SER A 56 -32.76 -9.88 -6.57
N GLY A 57 -34.04 -9.49 -6.62
CA GLY A 57 -35.06 -10.12 -5.77
C GLY A 57 -34.92 -9.66 -4.32
N SER A 58 -35.22 -8.38 -4.07
CA SER A 58 -35.13 -7.83 -2.73
C SER A 58 -36.15 -6.70 -2.53
N ASN A 59 -37.31 -6.83 -3.19
CA ASN A 59 -38.37 -5.82 -3.08
C ASN A 59 -39.41 -6.25 -2.05
N SER A 60 -39.70 -5.36 -1.09
CA SER A 60 -40.68 -5.65 -0.06
C SER A 60 -41.26 -4.35 0.51
N PRO A 61 -42.44 -4.40 1.12
CA PRO A 61 -43.09 -3.18 1.70
C PRO A 61 -42.42 -2.75 3.01
N THR A 62 -42.52 -1.45 3.31
CA THR A 62 -41.92 -0.91 4.53
C THR A 62 -42.91 -1.00 5.70
N GLY A 1 20.92 -15.93 21.17
CA GLY A 1 21.34 -15.08 20.02
C GLY A 1 20.29 -15.17 18.91
N SER A 2 19.95 -14.01 18.34
CA SER A 2 18.96 -13.96 17.27
C SER A 2 19.62 -14.14 15.91
N MET A 3 18.99 -14.93 15.04
CA MET A 3 19.51 -15.19 13.70
C MET A 3 18.76 -14.34 12.66
N ALA A 4 18.39 -13.11 13.07
CA ALA A 4 17.66 -12.19 12.18
C ALA A 4 18.52 -10.99 11.82
N GLN A 5 19.37 -10.54 12.76
CA GLN A 5 20.24 -9.39 12.52
C GLN A 5 21.64 -9.83 12.09
N GLU A 6 21.70 -10.82 11.18
CA GLU A 6 22.98 -11.32 10.68
C GLU A 6 22.93 -11.46 9.14
N THR A 7 22.46 -10.40 8.48
CA THR A 7 22.37 -10.41 7.02
C THR A 7 22.68 -9.02 6.46
N ASN A 8 22.87 -8.95 5.13
CA ASN A 8 23.19 -7.68 4.47
C ASN A 8 21.97 -6.76 4.44
N GLN A 9 20.78 -7.35 4.27
CA GLN A 9 19.54 -6.58 4.22
C GLN A 9 18.86 -6.57 5.59
N THR A 10 18.47 -5.38 6.06
CA THR A 10 17.80 -5.25 7.36
C THR A 10 16.60 -4.29 7.25
N PRO A 11 15.38 -4.81 7.08
CA PRO A 11 14.16 -3.96 6.96
C PRO A 11 13.66 -3.46 8.31
N GLY A 12 12.50 -2.78 8.31
CA GLY A 12 11.93 -2.25 9.53
C GLY A 12 10.98 -1.08 9.24
N PRO A 13 11.44 -0.04 8.55
CA PRO A 13 10.61 1.14 8.21
C PRO A 13 9.78 0.92 6.96
N MET A 14 8.49 0.59 7.15
CA MET A 14 7.59 0.36 6.02
C MET A 14 7.28 1.67 5.30
N LEU A 15 8.18 2.08 4.41
CA LEU A 15 7.98 3.32 3.65
C LEU A 15 6.94 3.09 2.55
N CYS A 16 6.17 4.12 2.24
CA CYS A 16 5.10 4.02 1.23
C CYS A 16 5.58 3.37 -0.08
N SER A 17 4.89 2.31 -0.48
CA SER A 17 5.21 1.59 -1.72
C SER A 17 5.05 2.48 -2.95
N THR A 18 4.17 3.48 -2.86
CA THR A 18 3.93 4.38 -4.00
C THR A 18 5.12 5.32 -4.24
N GLY A 19 5.98 5.53 -3.22
CA GLY A 19 7.14 6.39 -3.38
C GLY A 19 6.80 7.86 -3.13
N CYS A 20 5.87 8.11 -2.21
CA CYS A 20 5.47 9.48 -1.89
C CYS A 20 6.49 10.17 -0.96
N GLY A 21 7.35 9.38 -0.29
CA GLY A 21 8.37 9.93 0.60
C GLY A 21 7.96 9.97 2.07
N PHE A 22 6.80 9.39 2.42
CA PHE A 22 6.32 9.38 3.80
C PHE A 22 6.24 7.95 4.36
N TYR A 23 6.06 7.83 5.68
CA TYR A 23 5.97 6.53 6.33
C TYR A 23 4.67 5.79 5.97
N GLY A 24 4.77 4.47 5.84
CA GLY A 24 3.60 3.63 5.50
C GLY A 24 3.25 2.69 6.66
N ASN A 25 2.11 2.01 6.55
CA ASN A 25 1.67 1.07 7.60
C ASN A 25 1.55 -0.37 7.06
N PRO A 26 1.97 -1.37 7.82
CA PRO A 26 1.89 -2.79 7.38
C PRO A 26 0.49 -3.38 7.52
N ARG A 27 -0.33 -2.84 8.43
CA ARG A 27 -1.69 -3.32 8.60
C ARG A 27 -2.55 -2.83 7.43
N THR A 28 -2.23 -1.62 6.92
CA THR A 28 -2.94 -1.08 5.77
C THR A 28 -2.47 -1.85 4.50
N ASN A 29 -2.58 -1.23 3.32
CA ASN A 29 -2.16 -1.89 2.08
C ASN A 29 -0.67 -1.58 1.76
N GLY A 30 0.14 -1.28 2.79
CA GLY A 30 1.55 -0.95 2.57
C GLY A 30 1.74 0.51 2.16
N MET A 31 0.67 1.32 2.26
CA MET A 31 0.72 2.73 1.87
C MET A 31 0.40 3.63 3.07
N CYS A 32 0.74 4.91 2.95
CA CYS A 32 0.52 5.88 4.00
C CYS A 32 -0.98 6.24 4.06
N SER A 33 -1.31 7.41 4.64
CA SER A 33 -2.71 7.83 4.76
C SER A 33 -3.31 8.32 3.43
N VAL A 34 -2.57 9.19 2.72
CA VAL A 34 -3.07 9.76 1.45
C VAL A 34 -3.12 8.69 0.36
N CYS A 35 -2.02 7.98 0.16
CA CYS A 35 -1.91 6.96 -0.88
C CYS A 35 -2.91 5.80 -0.66
N TYR A 36 -3.12 5.41 0.60
CA TYR A 36 -4.03 4.29 0.92
C TYR A 36 -5.45 4.55 0.42
N LYS A 37 -5.97 5.75 0.66
CA LYS A 37 -7.33 6.07 0.23
C LYS A 37 -7.37 6.29 -1.27
N GLU A 38 -6.38 7.03 -1.79
CA GLU A 38 -6.31 7.32 -3.22
C GLU A 38 -6.31 6.04 -4.09
N HIS A 39 -5.66 4.97 -3.61
CA HIS A 39 -5.61 3.72 -4.39
C HIS A 39 -6.83 2.82 -4.13
N LEU A 40 -7.35 2.83 -2.90
CA LEU A 40 -8.51 2.00 -2.54
C LEU A 40 -9.75 2.40 -3.36
N GLN A 41 -9.83 3.67 -3.75
CA GLN A 41 -10.96 4.18 -4.53
C GLN A 41 -11.05 3.50 -5.90
N ARG A 42 -9.89 3.27 -6.52
CA ARG A 42 -9.84 2.61 -7.83
C ARG A 42 -10.07 1.10 -7.68
N GLN A 43 -9.68 0.54 -6.53
CA GLN A 43 -9.85 -0.88 -6.27
C GLN A 43 -11.32 -1.22 -5.99
N GLN A 44 -11.99 -0.32 -5.26
CA GLN A 44 -13.40 -0.53 -4.92
C GLN A 44 -14.30 -0.29 -6.12
N ASN A 45 -14.02 0.78 -6.88
CA ASN A 45 -14.82 1.11 -8.06
C ASN A 45 -14.76 0.00 -9.11
N SER A 46 -13.62 -0.69 -9.17
CA SER A 46 -13.44 -1.79 -10.12
C SER A 46 -14.04 -3.07 -9.55
N GLY A 47 -13.44 -3.57 -8.46
CA GLY A 47 -13.93 -4.78 -7.81
C GLY A 47 -13.30 -6.04 -8.40
N ARG A 48 -13.43 -6.21 -9.72
CA ARG A 48 -12.87 -7.36 -10.41
C ARG A 48 -12.28 -6.93 -11.76
N MET A 49 -13.15 -6.55 -12.69
CA MET A 49 -12.72 -6.11 -14.01
C MET A 49 -12.72 -4.59 -14.09
N SER A 50 -11.78 -4.04 -14.86
CA SER A 50 -11.68 -2.58 -15.02
C SER A 50 -12.18 -2.16 -16.41
N PRO A 51 -12.84 -1.01 -16.53
CA PRO A 51 -13.36 -0.53 -17.86
C PRO A 51 -12.28 -0.45 -18.94
N MET A 52 -11.29 0.42 -18.72
CA MET A 52 -10.18 0.60 -19.66
C MET A 52 -8.94 -0.13 -19.18
N GLY A 53 -8.45 0.25 -17.99
CA GLY A 53 -7.27 -0.37 -17.40
C GLY A 53 -6.42 0.67 -16.69
N THR A 54 -6.05 1.73 -17.41
CA THR A 54 -5.23 2.80 -16.84
C THR A 54 -5.63 4.15 -17.43
N ALA A 55 -5.46 5.22 -16.64
CA ALA A 55 -5.81 6.57 -17.09
C ALA A 55 -4.79 7.58 -16.59
N SER A 56 -4.13 8.26 -17.54
CA SER A 56 -3.12 9.26 -17.20
C SER A 56 -3.11 10.38 -18.22
N GLY A 57 -3.66 11.54 -17.84
CA GLY A 57 -3.72 12.70 -18.73
C GLY A 57 -4.66 12.44 -19.90
N SER A 58 -5.80 11.82 -19.61
CA SER A 58 -6.79 11.51 -20.65
C SER A 58 -7.90 12.55 -20.65
N ASN A 59 -8.64 12.63 -19.53
CA ASN A 59 -9.74 13.58 -19.41
C ASN A 59 -9.28 14.84 -18.68
N SER A 60 -9.49 16.00 -19.32
CA SER A 60 -9.10 17.28 -18.74
C SER A 60 -9.96 18.42 -19.29
N PRO A 61 -11.08 18.74 -18.64
CA PRO A 61 -11.98 19.83 -19.11
C PRO A 61 -11.50 21.20 -18.66
N THR A 62 -11.89 22.24 -19.38
CA THR A 62 -11.50 23.61 -19.05
C THR A 62 -12.53 24.61 -19.55
N GLY A 1 30.80 -1.46 14.57
CA GLY A 1 31.76 -1.03 13.52
C GLY A 1 31.24 -1.47 12.15
N SER A 2 32.16 -1.58 11.18
CA SER A 2 31.79 -2.00 9.83
C SER A 2 31.89 -3.52 9.69
N MET A 3 30.89 -4.12 9.05
CA MET A 3 30.89 -5.57 8.85
C MET A 3 30.29 -5.92 7.49
N ALA A 4 31.08 -6.62 6.67
CA ALA A 4 30.63 -7.02 5.34
C ALA A 4 30.01 -8.41 5.36
N GLN A 5 30.55 -9.29 6.21
CA GLN A 5 30.04 -10.65 6.33
C GLN A 5 28.80 -10.69 7.22
N GLU A 6 28.82 -9.89 8.30
CA GLU A 6 27.70 -9.83 9.23
C GLU A 6 26.50 -9.13 8.57
N THR A 7 25.30 -9.48 9.01
CA THR A 7 24.08 -8.88 8.46
C THR A 7 23.99 -7.39 8.81
N ASN A 8 24.34 -6.55 7.85
CA ASN A 8 24.31 -5.10 8.06
C ASN A 8 22.97 -4.51 7.59
N GLN A 9 22.46 -5.04 6.48
CA GLN A 9 21.19 -4.56 5.93
C GLN A 9 20.02 -5.17 6.71
N THR A 10 19.03 -4.34 7.04
CA THR A 10 17.85 -4.81 7.77
C THR A 10 16.62 -3.96 7.43
N PRO A 11 15.81 -4.38 6.45
CA PRO A 11 14.58 -3.61 6.06
C PRO A 11 13.60 -3.44 7.22
N GLY A 12 13.62 -2.25 7.83
CA GLY A 12 12.73 -1.95 8.96
C GLY A 12 11.71 -0.86 8.61
N PRO A 13 12.16 0.36 8.29
CA PRO A 13 11.24 1.48 7.95
C PRO A 13 10.36 1.17 6.73
N MET A 14 9.11 0.79 6.99
CA MET A 14 8.17 0.46 5.91
C MET A 14 7.74 1.74 5.18
N LEU A 15 8.57 2.17 4.23
CA LEU A 15 8.27 3.38 3.45
C LEU A 15 7.16 3.10 2.44
N CYS A 16 6.33 4.12 2.17
CA CYS A 16 5.21 4.00 1.23
C CYS A 16 5.62 3.31 -0.08
N SER A 17 4.82 2.32 -0.50
CA SER A 17 5.09 1.58 -1.74
C SER A 17 5.06 2.52 -2.95
N THR A 18 4.21 3.55 -2.90
CA THR A 18 4.12 4.53 -3.99
C THR A 18 5.36 5.43 -4.03
N GLY A 19 6.17 5.43 -2.95
CA GLY A 19 7.38 6.25 -2.89
C GLY A 19 7.06 7.72 -2.68
N CYS A 20 6.11 8.01 -1.79
CA CYS A 20 5.73 9.40 -1.51
C CYS A 20 6.73 10.09 -0.54
N GLY A 21 7.56 9.29 0.16
CA GLY A 21 8.55 9.86 1.09
C GLY A 21 8.05 9.89 2.55
N PHE A 22 6.84 9.37 2.80
CA PHE A 22 6.27 9.36 4.14
C PHE A 22 6.38 7.95 4.74
N TYR A 23 5.69 7.70 5.85
CA TYR A 23 5.73 6.39 6.50
C TYR A 23 4.49 5.57 6.11
N GLY A 24 4.67 4.26 5.92
CA GLY A 24 3.57 3.37 5.55
C GLY A 24 3.17 2.46 6.71
N ASN A 25 1.98 1.84 6.60
CA ASN A 25 1.46 0.95 7.63
C ASN A 25 1.25 -0.47 7.09
N PRO A 26 1.86 -1.50 7.66
CA PRO A 26 1.66 -2.90 7.19
C PRO A 26 0.24 -3.42 7.43
N ARG A 27 -0.52 -2.75 8.31
CA ARG A 27 -1.91 -3.15 8.57
C ARG A 27 -2.79 -2.69 7.40
N THR A 28 -2.46 -1.51 6.85
CA THR A 28 -3.19 -0.98 5.71
C THR A 28 -2.82 -1.82 4.47
N ASN A 29 -2.97 -1.27 3.26
CA ASN A 29 -2.64 -2.02 2.04
C ASN A 29 -1.18 -1.79 1.60
N GLY A 30 -0.29 -1.47 2.56
CA GLY A 30 1.11 -1.23 2.25
C GLY A 30 1.40 0.25 1.92
N MET A 31 0.40 1.13 2.13
CA MET A 31 0.58 2.54 1.83
C MET A 31 0.26 3.42 3.04
N CYS A 32 0.67 4.69 2.97
CA CYS A 32 0.46 5.64 4.06
C CYS A 32 -1.02 6.06 4.14
N SER A 33 -1.31 7.22 4.72
CA SER A 33 -2.69 7.68 4.86
C SER A 33 -3.26 8.22 3.54
N VAL A 34 -2.53 9.13 2.90
CA VAL A 34 -2.99 9.76 1.65
C VAL A 34 -3.04 8.75 0.48
N CYS A 35 -1.89 8.12 0.20
CA CYS A 35 -1.78 7.17 -0.92
C CYS A 35 -2.76 5.99 -0.80
N TYR A 36 -2.96 5.52 0.43
CA TYR A 36 -3.87 4.38 0.68
C TYR A 36 -5.28 4.65 0.15
N LYS A 37 -5.75 5.88 0.34
CA LYS A 37 -7.08 6.26 -0.12
C LYS A 37 -7.08 6.46 -1.63
N GLU A 38 -6.06 7.16 -2.12
CA GLU A 38 -5.94 7.45 -3.56
C GLU A 38 -5.97 6.19 -4.43
N HIS A 39 -5.35 5.10 -3.97
CA HIS A 39 -5.34 3.86 -4.77
C HIS A 39 -6.60 3.02 -4.50
N LEU A 40 -7.10 3.09 -3.27
CA LEU A 40 -8.32 2.34 -2.89
C LEU A 40 -9.52 2.77 -3.73
N GLN A 41 -9.55 4.04 -4.16
CA GLN A 41 -10.67 4.56 -4.95
C GLN A 41 -10.88 3.73 -6.23
N ARG A 42 -9.78 3.28 -6.82
CA ARG A 42 -9.83 2.48 -8.04
C ARG A 42 -10.17 1.01 -7.73
N GLN A 43 -9.81 0.55 -6.53
CA GLN A 43 -10.08 -0.83 -6.13
C GLN A 43 -11.52 -1.01 -5.65
N GLN A 44 -12.07 0.03 -5.03
CA GLN A 44 -13.45 -0.02 -4.51
C GLN A 44 -14.48 0.07 -5.65
N ASN A 45 -14.09 0.68 -6.77
CA ASN A 45 -14.99 0.83 -7.92
C ASN A 45 -15.39 -0.53 -8.48
N SER A 46 -14.42 -1.46 -8.51
CA SER A 46 -14.68 -2.81 -9.02
C SER A 46 -14.97 -3.75 -7.86
N GLY A 47 -14.15 -3.64 -6.81
CA GLY A 47 -14.31 -4.50 -5.63
C GLY A 47 -13.98 -5.95 -5.97
N ARG A 48 -12.88 -6.13 -6.72
CA ARG A 48 -12.45 -7.47 -7.13
C ARG A 48 -11.81 -8.24 -5.97
N MET A 49 -12.08 -9.53 -5.91
CA MET A 49 -11.52 -10.41 -4.88
C MET A 49 -10.74 -11.56 -5.50
N SER A 50 -10.09 -11.28 -6.65
CA SER A 50 -9.31 -12.30 -7.34
C SER A 50 -8.33 -11.65 -8.33
N PRO A 51 -7.13 -12.22 -8.51
CA PRO A 51 -6.12 -11.68 -9.46
C PRO A 51 -6.39 -12.11 -10.91
N MET A 52 -7.05 -11.25 -11.67
CA MET A 52 -7.38 -11.55 -13.07
C MET A 52 -6.44 -10.80 -14.01
N GLY A 53 -6.33 -9.48 -13.82
CA GLY A 53 -5.46 -8.66 -14.64
C GLY A 53 -6.06 -8.44 -16.03
N THR A 54 -7.39 -8.31 -16.08
CA THR A 54 -8.08 -8.09 -17.36
C THR A 54 -8.32 -6.60 -17.58
N ALA A 55 -7.74 -6.06 -18.65
CA ALA A 55 -7.90 -4.64 -18.97
C ALA A 55 -9.13 -4.43 -19.87
N SER A 56 -10.21 -3.94 -19.28
CA SER A 56 -11.43 -3.69 -20.03
C SER A 56 -12.16 -2.45 -19.50
N GLY A 57 -12.02 -1.33 -20.22
CA GLY A 57 -12.67 -0.08 -19.82
C GLY A 57 -11.94 0.56 -18.65
N SER A 58 -10.61 0.57 -18.70
CA SER A 58 -9.80 1.16 -17.64
C SER A 58 -9.64 2.67 -17.87
N ASN A 59 -9.21 3.03 -19.07
CA ASN A 59 -9.02 4.44 -19.41
C ASN A 59 -10.32 5.06 -19.92
N SER A 60 -10.90 5.95 -19.13
CA SER A 60 -12.15 6.62 -19.51
C SER A 60 -11.85 7.85 -20.37
N PRO A 61 -12.81 8.32 -21.16
CA PRO A 61 -12.61 9.52 -22.03
C PRO A 61 -12.63 10.82 -21.24
N THR A 62 -12.48 11.95 -21.95
CA THR A 62 -12.47 13.27 -21.30
C THR A 62 -13.29 14.27 -22.12
N GLY A 1 4.55 9.32 31.62
CA GLY A 1 5.77 10.08 32.05
C GLY A 1 6.80 10.05 30.93
N SER A 2 8.07 10.26 31.30
CA SER A 2 9.16 10.28 30.32
C SER A 2 9.78 8.89 30.20
N MET A 3 9.37 8.15 29.18
CA MET A 3 9.89 6.80 28.94
C MET A 3 9.79 6.42 27.46
N ALA A 4 9.91 7.42 26.59
CA ALA A 4 9.83 7.19 25.14
C ALA A 4 11.20 7.41 24.48
N GLN A 5 12.26 7.06 25.20
CA GLN A 5 13.63 7.22 24.67
C GLN A 5 14.44 5.94 24.87
N GLU A 6 13.77 4.79 24.70
CA GLU A 6 14.41 3.49 24.85
C GLU A 6 14.83 2.94 23.49
N THR A 7 13.86 2.88 22.56
CA THR A 7 14.12 2.37 21.22
C THR A 7 14.52 3.51 20.29
N ASN A 8 15.49 3.23 19.41
CA ASN A 8 15.98 4.22 18.45
C ASN A 8 16.01 3.61 17.06
N GLN A 9 16.63 2.44 16.95
CA GLN A 9 16.72 1.73 15.67
C GLN A 9 15.53 0.79 15.52
N THR A 10 14.98 0.73 14.30
CA THR A 10 13.84 -0.14 14.01
C THR A 10 13.87 -0.56 12.53
N PRO A 11 14.50 -1.70 12.22
CA PRO A 11 14.60 -2.18 10.80
C PRO A 11 13.24 -2.40 10.16
N GLY A 12 13.22 -2.52 8.83
CA GLY A 12 11.99 -2.74 8.09
C GLY A 12 11.18 -1.44 7.94
N PRO A 13 11.80 -0.31 7.61
CA PRO A 13 11.07 0.99 7.49
C PRO A 13 10.12 0.98 6.28
N MET A 14 8.87 0.55 6.52
CA MET A 14 7.87 0.48 5.46
C MET A 14 7.54 1.87 4.91
N LEU A 15 8.37 2.35 3.99
CA LEU A 15 8.15 3.65 3.36
C LEU A 15 7.11 3.50 2.26
N CYS A 16 6.30 4.55 2.03
CA CYS A 16 5.24 4.50 1.00
C CYS A 16 5.77 3.99 -0.35
N SER A 17 5.25 2.83 -0.77
CA SER A 17 5.66 2.19 -2.02
C SER A 17 5.40 3.07 -3.26
N THR A 18 4.49 4.05 -3.15
CA THR A 18 4.19 4.92 -4.30
C THR A 18 5.24 6.03 -4.48
N GLY A 19 6.11 6.24 -3.47
CA GLY A 19 7.16 7.26 -3.59
C GLY A 19 6.78 8.56 -2.88
N CYS A 20 6.15 8.44 -1.70
CA CYS A 20 5.75 9.63 -0.93
C CYS A 20 6.87 10.12 -0.02
N GLY A 21 7.73 9.20 0.42
CA GLY A 21 8.82 9.55 1.34
C GLY A 21 8.33 9.57 2.80
N PHE A 22 7.09 9.12 3.04
CA PHE A 22 6.53 9.09 4.39
C PHE A 22 6.50 7.64 4.88
N TYR A 23 5.93 7.42 6.07
CA TYR A 23 5.85 6.07 6.63
C TYR A 23 4.52 5.41 6.29
N GLY A 24 4.58 4.10 6.03
CA GLY A 24 3.38 3.32 5.71
C GLY A 24 3.11 2.31 6.81
N ASN A 25 1.93 1.68 6.77
CA ASN A 25 1.56 0.68 7.77
C ASN A 25 1.48 -0.72 7.15
N PRO A 26 1.97 -1.76 7.83
CA PRO A 26 1.92 -3.15 7.28
C PRO A 26 0.52 -3.74 7.33
N ARG A 27 -0.31 -3.28 8.27
CA ARG A 27 -1.68 -3.76 8.38
C ARG A 27 -2.51 -3.18 7.23
N THR A 28 -2.20 -1.93 6.86
CA THR A 28 -2.88 -1.28 5.75
C THR A 28 -2.33 -1.86 4.44
N ASN A 29 -2.38 -1.11 3.33
CA ASN A 29 -1.88 -1.60 2.04
C ASN A 29 -0.40 -1.25 1.83
N GLY A 30 0.38 -1.14 2.90
CA GLY A 30 1.81 -0.82 2.78
C GLY A 30 2.04 0.60 2.24
N MET A 31 1.01 1.46 2.29
CA MET A 31 1.13 2.82 1.80
C MET A 31 0.74 3.80 2.91
N CYS A 32 0.80 5.10 2.62
CA CYS A 32 0.47 6.11 3.60
C CYS A 32 -1.05 6.35 3.66
N SER A 33 -1.48 7.32 4.46
CA SER A 33 -2.92 7.62 4.63
C SER A 33 -3.56 8.15 3.35
N VAL A 34 -2.89 9.10 2.69
CA VAL A 34 -3.43 9.72 1.47
C VAL A 34 -3.51 8.71 0.32
N CYS A 35 -2.51 7.84 0.25
CA CYS A 35 -2.43 6.83 -0.81
C CYS A 35 -3.45 5.71 -0.63
N TYR A 36 -3.64 5.28 0.62
CA TYR A 36 -4.57 4.17 0.92
C TYR A 36 -6.00 4.49 0.52
N LYS A 37 -6.40 5.75 0.65
CA LYS A 37 -7.75 6.16 0.28
C LYS A 37 -7.85 6.31 -1.24
N GLU A 38 -6.87 6.98 -1.82
CA GLU A 38 -6.85 7.24 -3.27
C GLU A 38 -6.79 5.95 -4.10
N HIS A 39 -5.89 5.02 -3.74
CA HIS A 39 -5.75 3.80 -4.54
C HIS A 39 -6.88 2.80 -4.27
N LEU A 40 -7.28 2.65 -3.00
CA LEU A 40 -8.39 1.74 -2.65
C LEU A 40 -9.68 2.16 -3.36
N GLN A 41 -9.81 3.46 -3.66
CA GLN A 41 -10.98 4.00 -4.34
C GLN A 41 -11.07 3.46 -5.77
N ARG A 42 -9.92 3.34 -6.44
CA ARG A 42 -9.86 2.85 -7.81
C ARG A 42 -10.07 1.33 -7.88
N GLN A 43 -9.66 0.61 -6.83
CA GLN A 43 -9.81 -0.85 -6.79
C GLN A 43 -11.24 -1.23 -6.43
N GLN A 44 -11.87 -0.43 -5.56
CA GLN A 44 -13.25 -0.69 -5.14
C GLN A 44 -14.22 -0.49 -6.29
N ASN A 45 -14.03 0.60 -7.05
CA ASN A 45 -14.90 0.90 -8.18
C ASN A 45 -14.78 -0.14 -9.30
N SER A 46 -13.67 -0.91 -9.31
CA SER A 46 -13.46 -1.94 -10.33
C SER A 46 -14.55 -3.01 -10.30
N GLY A 47 -14.74 -3.61 -9.12
CA GLY A 47 -15.75 -4.65 -8.95
C GLY A 47 -15.30 -5.72 -7.96
N ARG A 48 -15.21 -5.34 -6.69
CA ARG A 48 -14.80 -6.26 -5.63
C ARG A 48 -15.87 -6.33 -4.55
N MET A 49 -16.18 -7.55 -4.09
CA MET A 49 -17.19 -7.75 -3.05
C MET A 49 -16.56 -8.44 -1.84
N SER A 50 -17.34 -8.59 -0.77
CA SER A 50 -16.87 -9.24 0.44
C SER A 50 -18.02 -9.92 1.18
N PRO A 51 -17.75 -10.94 1.99
CA PRO A 51 -18.82 -11.67 2.74
C PRO A 51 -19.29 -10.90 3.97
N MET A 52 -18.33 -10.38 4.74
CA MET A 52 -18.64 -9.62 5.95
C MET A 52 -18.28 -8.16 5.76
N GLY A 53 -19.06 -7.26 6.37
CA GLY A 53 -18.82 -5.83 6.26
C GLY A 53 -19.61 -5.23 5.10
N THR A 54 -20.82 -5.75 4.88
CA THR A 54 -21.67 -5.27 3.80
C THR A 54 -22.36 -3.97 4.20
N ALA A 55 -22.01 -2.88 3.51
CA ALA A 55 -22.60 -1.58 3.80
C ALA A 55 -23.96 -1.43 3.12
N SER A 56 -24.63 -0.30 3.36
CA SER A 56 -25.94 -0.06 2.78
C SER A 56 -26.08 1.40 2.38
N GLY A 57 -27.17 1.73 1.66
CA GLY A 57 -27.41 3.10 1.22
C GLY A 57 -27.22 3.22 -0.29
N SER A 58 -26.23 2.52 -0.82
CA SER A 58 -25.95 2.55 -2.26
C SER A 58 -26.99 1.74 -3.02
N ASN A 59 -27.27 0.54 -2.54
CA ASN A 59 -28.25 -0.33 -3.17
C ASN A 59 -29.68 0.07 -2.78
N SER A 60 -30.47 0.46 -3.79
CA SER A 60 -31.85 0.89 -3.54
C SER A 60 -32.77 -0.33 -3.48
N PRO A 61 -33.86 -0.27 -2.71
CA PRO A 61 -34.82 -1.40 -2.59
C PRO A 61 -35.83 -1.42 -3.73
N THR A 62 -36.42 -2.60 -3.99
CA THR A 62 -37.40 -2.75 -5.05
C THR A 62 -38.42 -3.83 -4.69
N GLY A 1 26.94 -4.15 -1.49
CA GLY A 1 27.87 -3.78 -0.39
C GLY A 1 29.12 -3.10 -0.97
N SER A 2 29.55 -2.01 -0.33
CA SER A 2 30.73 -1.28 -0.79
C SER A 2 31.61 -0.89 0.39
N MET A 3 31.01 -0.23 1.38
CA MET A 3 31.74 0.20 2.57
C MET A 3 30.82 0.26 3.78
N ALA A 4 31.33 -0.16 4.94
CA ALA A 4 30.55 -0.17 6.18
C ALA A 4 30.93 1.03 7.06
N GLN A 5 31.26 2.16 6.41
CA GLN A 5 31.65 3.37 7.13
C GLN A 5 30.44 4.27 7.36
N GLU A 6 29.53 4.30 6.37
CA GLU A 6 28.33 5.12 6.48
C GLU A 6 27.33 4.49 7.45
N THR A 7 26.28 5.25 7.80
CA THR A 7 25.26 4.75 8.72
C THR A 7 24.38 3.71 8.04
N ASN A 8 24.52 2.45 8.45
CA ASN A 8 23.74 1.36 7.88
C ASN A 8 22.28 1.46 8.30
N GLN A 9 22.05 1.86 9.55
CA GLN A 9 20.69 2.00 10.07
C GLN A 9 20.00 3.22 9.45
N THR A 10 18.80 3.00 8.91
CA THR A 10 18.03 4.08 8.29
C THR A 10 16.52 3.82 8.45
N PRO A 11 15.81 4.58 9.27
CA PRO A 11 14.34 4.38 9.47
C PRO A 11 13.56 4.53 8.17
N GLY A 12 12.23 4.40 8.26
CA GLY A 12 11.37 4.51 7.10
C GLY A 12 11.29 3.20 6.30
N PRO A 13 11.18 2.03 6.94
CA PRO A 13 11.10 0.72 6.21
C PRO A 13 9.90 0.65 5.26
N MET A 14 8.69 0.55 5.81
CA MET A 14 7.48 0.47 4.99
C MET A 14 7.15 1.84 4.39
N LEU A 15 8.02 2.32 3.50
CA LEU A 15 7.82 3.62 2.87
C LEU A 15 6.80 3.50 1.73
N CYS A 16 5.99 4.56 1.56
CA CYS A 16 4.93 4.60 0.52
C CYS A 16 5.34 3.94 -0.81
N SER A 17 4.61 2.88 -1.17
CA SER A 17 4.86 2.15 -2.41
C SER A 17 4.74 3.07 -3.64
N THR A 18 3.95 4.15 -3.52
CA THR A 18 3.77 5.10 -4.63
C THR A 18 4.91 6.14 -4.67
N GLY A 19 5.77 6.16 -3.65
CA GLY A 19 6.90 7.10 -3.64
C GLY A 19 6.46 8.54 -3.35
N CYS A 20 5.55 8.72 -2.38
CA CYS A 20 5.10 10.07 -2.03
C CYS A 20 6.05 10.76 -1.01
N GLY A 21 6.95 9.99 -0.38
CA GLY A 21 7.91 10.56 0.57
C GLY A 21 7.47 10.45 2.04
N PHE A 22 6.33 9.81 2.32
CA PHE A 22 5.83 9.69 3.70
C PHE A 22 6.03 8.26 4.21
N TYR A 23 5.45 7.95 5.39
CA TYR A 23 5.58 6.62 5.97
C TYR A 23 4.36 5.75 5.65
N GLY A 24 4.61 4.46 5.43
CA GLY A 24 3.53 3.52 5.14
C GLY A 24 3.34 2.55 6.30
N ASN A 25 2.18 1.90 6.35
CA ASN A 25 1.89 0.93 7.42
C ASN A 25 1.94 -0.49 6.86
N PRO A 26 2.53 -1.46 7.56
CA PRO A 26 2.59 -2.87 7.06
C PRO A 26 1.23 -3.57 7.16
N ARG A 27 0.41 -3.12 8.11
CA ARG A 27 -0.93 -3.70 8.27
C ARG A 27 -1.85 -3.24 7.13
N THR A 28 -1.60 -2.02 6.62
CA THR A 28 -2.38 -1.50 5.51
C THR A 28 -1.87 -2.17 4.21
N ASN A 29 -1.95 -1.50 3.06
CA ASN A 29 -1.48 -2.08 1.80
C ASN A 29 -0.01 -1.73 1.54
N GLY A 30 0.78 -1.53 2.62
CA GLY A 30 2.18 -1.17 2.47
C GLY A 30 2.33 0.29 2.04
N MET A 31 1.26 1.09 2.23
CA MET A 31 1.27 2.50 1.84
C MET A 31 0.82 3.37 3.00
N CYS A 32 0.94 4.68 2.83
CA CYS A 32 0.56 5.65 3.87
C CYS A 32 -0.93 5.53 4.21
N SER A 33 -1.35 6.24 5.26
CA SER A 33 -2.74 6.22 5.68
C SER A 33 -3.59 6.99 4.68
N VAL A 34 -3.12 8.17 4.29
CA VAL A 34 -3.83 9.01 3.32
C VAL A 34 -3.75 8.37 1.93
N CYS A 35 -2.60 7.76 1.63
CA CYS A 35 -2.39 7.12 0.34
C CYS A 35 -3.21 5.83 0.23
N TYR A 36 -3.31 5.10 1.35
CA TYR A 36 -4.05 3.83 1.39
C TYR A 36 -5.53 4.03 0.97
N LYS A 37 -6.09 5.19 1.31
CA LYS A 37 -7.49 5.48 0.96
C LYS A 37 -7.60 5.87 -0.51
N GLU A 38 -6.67 6.71 -0.95
CA GLU A 38 -6.65 7.19 -2.34
C GLU A 38 -6.61 6.07 -3.37
N HIS A 39 -5.81 5.02 -3.11
CA HIS A 39 -5.69 3.92 -4.07
C HIS A 39 -6.81 2.87 -3.89
N LEU A 40 -7.24 2.66 -2.65
CA LEU A 40 -8.31 1.69 -2.36
C LEU A 40 -9.62 2.07 -3.08
N GLN A 41 -9.84 3.38 -3.28
CA GLN A 41 -11.05 3.87 -3.95
C GLN A 41 -11.03 3.48 -5.43
N ARG A 42 -9.84 3.49 -6.04
CA ARG A 42 -9.68 3.15 -7.45
C ARG A 42 -9.89 1.66 -7.70
N GLN A 43 -9.57 0.83 -6.71
CA GLN A 43 -9.73 -0.62 -6.85
C GLN A 43 -11.20 -1.05 -6.70
N GLN A 44 -11.95 -0.30 -5.89
CA GLN A 44 -13.37 -0.61 -5.66
C GLN A 44 -14.21 -0.15 -6.85
N ASN A 45 -14.00 1.09 -7.28
CA ASN A 45 -14.74 1.64 -8.41
C ASN A 45 -14.46 0.87 -9.72
N SER A 46 -13.37 0.09 -9.75
CA SER A 46 -13.01 -0.68 -10.94
C SER A 46 -14.13 -1.66 -11.34
N GLY A 47 -14.46 -2.58 -10.43
CA GLY A 47 -15.51 -3.58 -10.70
C GLY A 47 -15.10 -4.95 -10.17
N ARG A 48 -15.06 -5.08 -8.83
CA ARG A 48 -14.68 -6.34 -8.19
C ARG A 48 -15.61 -7.49 -8.62
N MET A 49 -16.90 -7.17 -8.79
CA MET A 49 -17.88 -8.17 -9.21
C MET A 49 -17.84 -8.35 -10.72
N SER A 50 -17.88 -7.24 -11.45
CA SER A 50 -17.86 -7.28 -12.91
C SER A 50 -17.09 -6.07 -13.48
N PRO A 51 -15.81 -6.20 -13.76
CA PRO A 51 -14.99 -5.07 -14.32
C PRO A 51 -15.58 -4.53 -15.61
N MET A 52 -15.65 -5.38 -16.63
CA MET A 52 -16.20 -4.98 -17.94
C MET A 52 -17.33 -5.93 -18.35
N GLY A 53 -17.06 -7.23 -18.27
CA GLY A 53 -18.05 -8.24 -18.64
C GLY A 53 -17.40 -9.44 -19.32
N THR A 54 -16.38 -9.16 -20.14
CA THR A 54 -15.67 -10.23 -20.86
C THR A 54 -14.16 -10.03 -20.75
N ALA A 55 -13.42 -11.15 -20.74
CA ALA A 55 -11.97 -11.11 -20.63
C ALA A 55 -11.33 -12.23 -21.45
N SER A 56 -10.13 -11.97 -21.97
CA SER A 56 -9.42 -12.97 -22.77
C SER A 56 -7.91 -12.79 -22.63
N GLY A 57 -7.17 -13.88 -22.82
CA GLY A 57 -5.71 -13.84 -22.72
C GLY A 57 -5.21 -14.79 -21.64
N SER A 58 -5.28 -16.09 -21.91
CA SER A 58 -4.84 -17.11 -20.95
C SER A 58 -3.48 -17.69 -21.37
N ASN A 59 -2.63 -16.85 -21.95
CA ASN A 59 -1.30 -17.28 -22.39
C ASN A 59 -0.40 -17.56 -21.20
N SER A 60 0.51 -18.53 -21.35
CA SER A 60 1.43 -18.88 -20.28
C SER A 60 2.68 -18.01 -20.33
N PRO A 61 3.41 -17.87 -19.23
CA PRO A 61 4.65 -17.03 -19.19
C PRO A 61 5.82 -17.70 -19.92
N THR A 62 6.32 -17.03 -20.97
CA THR A 62 7.44 -17.54 -21.78
C THR A 62 7.21 -18.98 -22.25
N GLY A 1 33.92 -18.16 5.88
CA GLY A 1 33.85 -18.25 7.36
C GLY A 1 32.47 -17.83 7.85
N SER A 2 32.42 -16.73 8.60
CA SER A 2 31.16 -16.22 9.13
C SER A 2 30.47 -15.32 8.10
N MET A 3 29.19 -15.03 8.34
CA MET A 3 28.42 -14.18 7.43
C MET A 3 28.78 -12.71 7.64
N ALA A 4 28.82 -11.96 6.53
CA ALA A 4 29.16 -10.54 6.58
C ALA A 4 28.24 -9.74 5.67
N GLN A 5 28.31 -10.01 4.36
CA GLN A 5 27.47 -9.31 3.37
C GLN A 5 26.31 -10.21 2.92
N GLU A 6 25.81 -11.04 3.84
CA GLU A 6 24.69 -11.93 3.54
C GLU A 6 23.37 -11.19 3.64
N THR A 7 23.25 -10.36 4.68
CA THR A 7 22.03 -9.60 4.91
C THR A 7 21.92 -8.44 3.92
N ASN A 8 21.03 -8.60 2.93
CA ASN A 8 20.82 -7.58 1.91
C ASN A 8 19.48 -6.87 2.11
N GLN A 9 18.47 -7.64 2.49
CA GLN A 9 17.13 -7.08 2.73
C GLN A 9 16.94 -6.71 4.20
N THR A 10 15.94 -5.86 4.48
CA THR A 10 15.66 -5.45 5.85
C THR A 10 14.19 -5.00 5.97
N PRO A 11 13.28 -5.87 6.38
CA PRO A 11 11.84 -5.52 6.52
C PRO A 11 11.55 -4.78 7.83
N GLY A 12 11.08 -3.53 7.71
CA GLY A 12 10.78 -2.73 8.88
C GLY A 12 10.16 -1.37 8.48
N PRO A 13 10.88 -0.53 7.77
CA PRO A 13 10.37 0.80 7.33
C PRO A 13 9.47 0.69 6.10
N MET A 14 8.18 0.42 6.33
CA MET A 14 7.21 0.29 5.24
C MET A 14 6.91 1.65 4.61
N LEU A 15 7.79 2.09 3.71
CA LEU A 15 7.61 3.37 3.03
C LEU A 15 6.58 3.22 1.91
N CYS A 16 5.80 4.28 1.67
CA CYS A 16 4.75 4.28 0.63
C CYS A 16 5.18 3.61 -0.68
N SER A 17 4.49 2.53 -1.04
CA SER A 17 4.77 1.79 -2.28
C SER A 17 4.66 2.71 -3.51
N THR A 18 3.90 3.80 -3.40
CA THR A 18 3.72 4.73 -4.52
C THR A 18 4.89 5.72 -4.66
N GLY A 19 5.76 5.80 -3.66
CA GLY A 19 6.92 6.70 -3.73
C GLY A 19 6.55 8.16 -3.43
N CYS A 20 5.73 8.37 -2.39
CA CYS A 20 5.34 9.74 -2.03
C CYS A 20 6.35 10.39 -1.04
N GLY A 21 7.22 9.57 -0.43
CA GLY A 21 8.24 10.11 0.49
C GLY A 21 7.81 10.13 1.97
N PHE A 22 6.61 9.60 2.28
CA PHE A 22 6.12 9.59 3.67
C PHE A 22 6.20 8.17 4.24
N TYR A 23 5.60 7.94 5.40
CA TYR A 23 5.63 6.63 6.05
C TYR A 23 4.38 5.80 5.73
N GLY A 24 4.57 4.49 5.52
CA GLY A 24 3.46 3.58 5.23
C GLY A 24 3.31 2.54 6.34
N ASN A 25 2.23 1.74 6.29
CA ASN A 25 1.98 0.73 7.32
C ASN A 25 1.87 -0.68 6.69
N PRO A 26 2.36 -1.72 7.35
CA PRO A 26 2.27 -3.11 6.81
C PRO A 26 0.88 -3.73 6.98
N ARG A 27 0.09 -3.21 7.93
CA ARG A 27 -1.27 -3.70 8.15
C ARG A 27 -2.17 -3.22 7.01
N THR A 28 -1.89 -1.99 6.54
CA THR A 28 -2.64 -1.42 5.43
C THR A 28 -2.18 -2.13 4.15
N ASN A 29 -2.35 -1.49 2.99
CA ASN A 29 -1.93 -2.11 1.72
C ASN A 29 -0.48 -1.73 1.36
N GLY A 30 0.35 -1.38 2.36
CA GLY A 30 1.73 -1.00 2.10
C GLY A 30 1.87 0.48 1.76
N MET A 31 0.81 1.28 2.01
CA MET A 31 0.84 2.72 1.69
C MET A 31 0.50 3.56 2.92
N CYS A 32 0.77 4.86 2.82
CA CYS A 32 0.50 5.80 3.92
C CYS A 32 -0.98 5.78 4.30
N SER A 33 -1.35 6.56 5.32
CA SER A 33 -2.75 6.62 5.76
C SER A 33 -3.58 7.37 4.71
N VAL A 34 -3.03 8.48 4.21
CA VAL A 34 -3.70 9.28 3.19
C VAL A 34 -3.64 8.56 1.83
N CYS A 35 -2.51 7.90 1.58
CA CYS A 35 -2.30 7.18 0.33
C CYS A 35 -3.15 5.90 0.30
N TYR A 36 -3.28 5.23 1.44
CA TYR A 36 -4.07 3.98 1.54
C TYR A 36 -5.51 4.22 1.07
N LYS A 37 -6.06 5.38 1.41
CA LYS A 37 -7.42 5.73 1.03
C LYS A 37 -7.47 6.13 -0.44
N GLU A 38 -6.49 6.95 -0.84
CA GLU A 38 -6.41 7.46 -2.22
C GLU A 38 -6.39 6.32 -3.26
N HIS A 39 -5.66 5.24 -2.97
CA HIS A 39 -5.59 4.13 -3.94
C HIS A 39 -6.78 3.18 -3.79
N LEU A 40 -7.28 3.03 -2.56
CA LEU A 40 -8.43 2.15 -2.30
C LEU A 40 -9.67 2.61 -3.10
N GLN A 41 -9.74 3.91 -3.41
CA GLN A 41 -10.89 4.45 -4.15
C GLN A 41 -10.87 3.94 -5.60
N ARG A 42 -9.67 3.84 -6.18
CA ARG A 42 -9.52 3.36 -7.55
C ARG A 42 -9.71 1.85 -7.63
N GLN A 43 -9.32 1.15 -6.57
CA GLN A 43 -9.45 -0.31 -6.52
C GLN A 43 -10.91 -0.72 -6.40
N GLN A 44 -11.66 -0.02 -5.53
CA GLN A 44 -13.08 -0.32 -5.31
C GLN A 44 -13.89 -0.23 -6.61
N ASN A 45 -13.41 0.57 -7.57
CA ASN A 45 -14.08 0.72 -8.87
C ASN A 45 -14.16 -0.62 -9.62
N SER A 46 -13.28 -1.59 -9.25
CA SER A 46 -13.26 -2.91 -9.90
C SER A 46 -14.61 -3.62 -9.75
N GLY A 47 -15.26 -3.43 -8.60
CA GLY A 47 -16.55 -4.06 -8.35
C GLY A 47 -16.41 -5.24 -7.41
N ARG A 48 -15.38 -6.05 -7.61
CA ARG A 48 -15.14 -7.23 -6.77
C ARG A 48 -14.52 -6.83 -5.44
N MET A 49 -15.05 -7.39 -4.35
CA MET A 49 -14.54 -7.09 -3.01
C MET A 49 -13.54 -8.15 -2.57
N SER A 50 -12.77 -7.85 -1.53
CA SER A 50 -11.78 -8.79 -1.01
C SER A 50 -11.34 -8.41 0.41
N PRO A 51 -11.96 -8.98 1.44
CA PRO A 51 -11.61 -8.67 2.86
C PRO A 51 -10.29 -9.30 3.29
N MET A 52 -10.01 -10.51 2.78
CA MET A 52 -8.77 -11.21 3.12
C MET A 52 -7.71 -10.97 2.04
N GLY A 53 -6.56 -11.63 2.19
CA GLY A 53 -5.45 -11.48 1.24
C GLY A 53 -4.11 -11.39 1.97
N THR A 54 -4.02 -10.45 2.92
CA THR A 54 -2.80 -10.28 3.69
C THR A 54 -2.62 -11.39 4.70
N ALA A 55 -1.41 -11.95 4.77
CA ALA A 55 -1.12 -13.03 5.71
C ALA A 55 -1.13 -12.52 7.15
N SER A 56 -1.78 -13.27 8.04
CA SER A 56 -1.87 -12.89 9.45
C SER A 56 -0.55 -13.19 10.16
N GLY A 57 0.15 -12.13 10.58
CA GLY A 57 1.43 -12.28 11.27
C GLY A 57 2.59 -12.38 10.28
N SER A 58 2.66 -11.41 9.37
CA SER A 58 3.72 -11.39 8.36
C SER A 58 5.01 -10.82 8.95
N ASN A 59 4.87 -9.74 9.71
CA ASN A 59 6.03 -9.09 10.33
C ASN A 59 6.47 -9.86 11.58
N SER A 60 7.77 -9.80 11.87
CA SER A 60 8.32 -10.50 13.03
C SER A 60 9.38 -9.61 13.72
N PRO A 61 8.98 -8.79 14.70
CA PRO A 61 9.93 -7.89 15.42
C PRO A 61 11.06 -8.67 16.10
N THR A 62 12.18 -8.00 16.37
CA THR A 62 13.31 -8.63 17.02
C THR A 62 13.14 -8.63 18.53
#